data_1JMX
#
_entry.id   1JMX
#
_cell.length_a   167.21
_cell.length_b   92.37
_cell.length_c   79.30
_cell.angle_alpha   90.00
_cell.angle_beta   112.00
_cell.angle_gamma   90.00
#
_symmetry.space_group_name_H-M   'C 1 2 1'
#
loop_
_entity.id
_entity.type
_entity.pdbx_description
1 polymer 'Amine Dehydrogenase'
2 polymer 'Amine Dehydrogenase'
3 polymer 'Amine Dehydrogenase'
4 non-polymer 'NICKEL (II) ION'
5 non-polymer 'HEME C'
6 water water
#
loop_
_entity_poly.entity_id
_entity_poly.type
_entity_poly.pdbx_seq_one_letter_code
_entity_poly.pdbx_strand_id
1 'polypeptide(L)'
;AEQGPSLLQNKCMGCHIPEGNDTYSRISHQRKTPEGWLMSIARMQVMHGLQISDDDRRTLVKYLADKQGLAPSETDGVRY
AMERRLNTVEQFDTQLSETCGRCHSGARVALQRRPAKEWEHLVNFHLGQWPSLEYQAQARDRDWLPIALQQVVPDLAKRY
PLESAAWAEWQKARPKADALPGQWAFSGHMLAKGDVRGVMSVTPDQGDTFKVEVKGAYADGTPFNGSGSAILYNGYEWRG
NVKVGDANLRQVFAALDGEMKGRMFEAEHDERGLDFTAVKEGKARLLAVQPAFIKAGGESEITLVGSGLAGKPDLGAGVE
VTEVLEQTPTLVRLKARAAADAKPGQREVAVGTLKGVNLAVYDKVEEVKVVPAFSIARIGENGASVPKVQGRFEAEAWGK
DANGQPLRIGYLPASWKVEPFNERAVEDEDVKFAGKMQADGVFVPGGAGPNPERKMMTNNAGNLKVIATLADGGQTGEGH
MIVTVQRWNNPPLP
;
A
2 'polypeptide(L)'
;ADTGPALKAGHEYMIVTNYPNNLHVVDVASDTVYKSCVMPDKFGPGTAMMAPDNRTAYVLNNHYGDIYGIDLDTCKNTFH
ANLSSVPGEVGRSMYSFAISPDGKEVYATVNPTQRLNDHYVVKPPRLEVFSTADGLEAKPVRTFPMPRQVYLMRAADDGS
LYVAGPDIYKMDVKTGKYTVALPLRNWNRKGYSAPDVLYFWPHQSPRHEFSMLYTIARFKDDKQDPATADLLYGYLSVDL
KTGKTHTQEFADLTELYFTGLRSPKDPNQIYGVLNRLAKYDLKQRKLIKAANLDHTYYCVAFDKKGDKLYLGGTFNDLAV
FNPDTLEKVKNIKLPGGDMSTTTPQVFIR
;
B
3 'polypeptide(L)'
;MSAVAGCTATTDPGWEVDAFGGVSSLCQPMEADLYGCSDPCW(TRQ)PAQVPDMMSTYQDWNAQASNSAEDWRNLGTVFP
KDK
;
G
#
# COMPACT_ATOMS: atom_id res chain seq x y z
N GLU A 2 18.50 29.15 -9.55
CA GLU A 2 19.89 29.49 -9.08
C GLU A 2 20.81 28.32 -9.36
N GLN A 3 21.99 28.36 -8.78
CA GLN A 3 22.93 27.27 -8.95
C GLN A 3 22.60 26.26 -7.89
N GLY A 4 22.94 25.01 -8.13
CA GLY A 4 22.65 23.97 -7.18
C GLY A 4 23.18 24.24 -5.79
N PRO A 5 24.47 24.57 -5.66
CA PRO A 5 25.11 24.86 -4.36
C PRO A 5 24.51 25.97 -3.52
N SER A 6 24.09 27.06 -4.15
CA SER A 6 23.51 28.17 -3.42
C SER A 6 22.10 27.84 -2.95
N LEU A 7 21.34 27.12 -3.76
CA LEU A 7 19.98 26.71 -3.39
C LEU A 7 20.04 25.69 -2.26
N LEU A 8 21.05 24.84 -2.29
CA LEU A 8 21.28 23.83 -1.27
C LEU A 8 21.40 24.50 0.09
N GLN A 9 22.16 25.59 0.13
CA GLN A 9 22.36 26.32 1.36
C GLN A 9 21.14 27.17 1.78
N ASN A 10 20.60 27.94 0.84
CA ASN A 10 19.46 28.81 1.10
C ASN A 10 18.19 28.09 1.56
N LYS A 11 18.02 26.86 1.09
CA LYS A 11 16.81 26.09 1.39
C LYS A 11 16.92 24.92 2.35
N CYS A 12 18.12 24.36 2.51
CA CYS A 12 18.30 23.20 3.36
C CYS A 12 19.02 23.49 4.67
N MET A 13 19.93 24.48 4.62
CA MET A 13 20.71 24.90 5.79
C MET A 13 19.69 25.35 6.85
N GLY A 14 20.06 25.29 8.11
CA GLY A 14 19.09 25.67 9.12
C GLY A 14 18.57 24.40 9.77
N CYS A 15 18.35 23.36 8.96
CA CYS A 15 17.90 22.05 9.46
C CYS A 15 19.04 21.09 9.19
N HIS A 16 19.73 21.33 8.08
CA HIS A 16 20.87 20.52 7.70
C HIS A 16 22.12 21.33 7.94
N ILE A 17 23.05 20.72 8.67
CA ILE A 17 24.27 21.40 9.04
C ILE A 17 25.36 21.37 7.98
N PRO A 18 25.97 22.53 7.70
CA PRO A 18 27.04 22.67 6.72
C PRO A 18 28.25 21.90 7.25
N GLU A 19 28.88 21.12 6.37
CA GLU A 19 30.04 20.33 6.77
C GLU A 19 31.28 20.73 6.00
N GLY A 20 31.14 21.73 5.12
CA GLY A 20 32.28 22.16 4.33
C GLY A 20 31.97 22.11 2.85
N ASN A 21 32.63 22.96 2.07
CA ASN A 21 32.45 23.08 0.62
C ASN A 21 31.22 22.44 -0.03
N ASP A 22 30.07 23.06 0.25
CA ASP A 22 28.77 22.65 -0.29
C ASP A 22 28.24 21.28 0.12
N THR A 23 28.74 20.76 1.23
CA THR A 23 28.27 19.47 1.75
C THR A 23 27.47 19.73 3.02
N TYR A 24 26.40 18.97 3.21
CA TYR A 24 25.53 19.14 4.37
C TYR A 24 25.24 17.80 5.01
N SER A 25 24.81 17.83 6.26
CA SER A 25 24.50 16.59 6.96
C SER A 25 23.35 15.88 6.26
N ARG A 26 23.43 14.55 6.23
CA ARG A 26 22.41 13.70 5.61
C ARG A 26 22.47 13.74 4.08
N ILE A 27 22.23 14.93 3.53
CA ILE A 27 22.21 15.17 2.08
C ILE A 27 23.41 14.65 1.31
N SER A 28 24.61 14.90 1.82
CA SER A 28 25.83 14.48 1.13
C SER A 28 26.34 13.09 1.50
N HIS A 29 25.48 12.26 2.08
CA HIS A 29 25.89 10.93 2.51
C HIS A 29 24.95 9.85 2.00
N GLN A 30 24.25 10.18 0.92
CA GLN A 30 23.29 9.28 0.30
C GLN A 30 23.33 9.48 -1.22
N ARG A 31 23.10 8.40 -1.96
CA ARG A 31 23.05 8.44 -3.43
C ARG A 31 21.74 7.82 -3.85
N LYS A 32 21.00 8.50 -4.72
CA LYS A 32 19.70 8.00 -5.17
C LYS A 32 19.46 8.32 -6.66
N THR A 33 18.36 7.81 -7.17
CA THR A 33 17.97 8.04 -8.56
C THR A 33 17.32 9.43 -8.60
N PRO A 34 17.07 9.97 -9.80
CA PRO A 34 16.45 11.30 -9.94
C PRO A 34 15.09 11.39 -9.21
N GLU A 35 14.26 10.35 -9.33
CA GLU A 35 12.97 10.36 -8.66
C GLU A 35 13.13 10.13 -7.15
N GLY A 36 14.27 9.54 -6.76
CA GLY A 36 14.54 9.33 -5.36
C GLY A 36 14.81 10.67 -4.71
N TRP A 37 15.64 11.48 -5.38
CA TRP A 37 15.95 12.82 -4.89
C TRP A 37 14.70 13.67 -4.82
N LEU A 38 13.85 13.60 -5.84
CA LEU A 38 12.60 14.36 -5.85
C LEU A 38 11.72 13.95 -4.66
N MET A 39 11.70 12.66 -4.36
CA MET A 39 10.91 12.12 -3.25
C MET A 39 11.38 12.59 -1.88
N SER A 40 12.69 12.74 -1.71
CA SER A 40 13.25 13.22 -0.45
C SER A 40 12.88 14.68 -0.21
N ILE A 41 13.01 15.49 -1.26
CA ILE A 41 12.70 16.91 -1.19
C ILE A 41 11.20 17.12 -0.96
N ALA A 42 10.39 16.30 -1.62
CA ALA A 42 8.94 16.36 -1.46
C ALA A 42 8.58 16.02 -0.02
N ARG A 43 9.33 15.12 0.61
CA ARG A 43 9.07 14.75 2.00
C ARG A 43 9.38 15.94 2.89
N MET A 44 10.39 16.72 2.51
CA MET A 44 10.78 17.88 3.27
C MET A 44 9.65 18.91 3.30
N GLN A 45 8.92 19.01 2.18
CA GLN A 45 7.82 19.95 2.06
C GLN A 45 6.58 19.50 2.81
N VAL A 46 6.21 18.26 2.61
CA VAL A 46 5.03 17.67 3.24
C VAL A 46 5.17 17.44 4.74
N MET A 47 6.31 16.89 5.15
CA MET A 47 6.57 16.58 6.55
C MET A 47 7.20 17.68 7.38
N HIS A 48 8.18 18.38 6.81
CA HIS A 48 8.91 19.40 7.55
C HIS A 48 8.71 20.87 7.20
N GLY A 49 7.69 21.16 6.38
CA GLY A 49 7.39 22.54 6.02
C GLY A 49 8.31 23.32 5.09
N LEU A 50 9.22 22.65 4.39
CA LEU A 50 10.12 23.33 3.46
C LEU A 50 9.33 24.10 2.40
N GLN A 51 9.72 25.34 2.17
CA GLN A 51 9.08 26.19 1.18
C GLN A 51 9.99 26.22 -0.04
N ILE A 52 9.51 25.69 -1.17
CA ILE A 52 10.31 25.65 -2.39
C ILE A 52 9.43 25.53 -3.64
N SER A 53 9.73 26.34 -4.64
CA SER A 53 8.96 26.33 -5.88
C SER A 53 9.31 25.09 -6.70
N ASP A 54 8.48 24.78 -7.68
CA ASP A 54 8.69 23.62 -8.54
C ASP A 54 9.96 23.78 -9.36
N ASP A 55 10.22 25.01 -9.79
CA ASP A 55 11.41 25.34 -10.57
C ASP A 55 12.69 25.06 -9.78
N ASP A 56 12.77 25.61 -8.57
CA ASP A 56 13.94 25.41 -7.72
C ASP A 56 14.10 23.96 -7.29
N ARG A 57 12.97 23.26 -7.16
CA ARG A 57 13.00 21.86 -6.77
C ARG A 57 13.63 21.10 -7.93
N ARG A 58 13.24 21.44 -9.17
CA ARG A 58 13.79 20.80 -10.36
C ARG A 58 15.29 21.04 -10.45
N THR A 59 15.72 22.23 -10.03
CA THR A 59 17.14 22.58 -10.07
C THR A 59 17.92 21.72 -9.09
N LEU A 60 17.40 21.58 -7.87
CA LEU A 60 18.08 20.77 -6.86
C LEU A 60 18.14 19.29 -7.21
N VAL A 61 17.07 18.76 -7.79
CA VAL A 61 17.02 17.36 -8.19
C VAL A 61 18.11 17.09 -9.22
N LYS A 62 18.21 17.97 -10.22
CA LYS A 62 19.20 17.84 -11.28
C LYS A 62 20.60 17.85 -10.65
N TYR A 63 20.82 18.81 -9.77
CA TYR A 63 22.11 18.96 -9.09
C TYR A 63 22.48 17.74 -8.27
N LEU A 64 21.54 17.27 -7.45
CA LEU A 64 21.79 16.11 -6.59
C LEU A 64 21.86 14.78 -7.35
N ALA A 65 21.06 14.66 -8.41
CA ALA A 65 21.03 13.45 -9.21
C ALA A 65 22.35 13.22 -9.95
N ASP A 66 23.00 14.31 -10.35
CA ASP A 66 24.28 14.24 -11.05
C ASP A 66 25.41 14.00 -10.07
N LYS A 67 25.44 14.78 -8.98
CA LYS A 67 26.47 14.67 -7.95
C LYS A 67 26.44 13.35 -7.20
N GLN A 68 25.24 12.96 -6.76
CA GLN A 68 25.05 11.74 -6.00
C GLN A 68 24.01 10.81 -6.62
N GLY A 69 24.40 10.19 -7.72
CA GLY A 69 23.51 9.27 -8.40
C GLY A 69 24.04 7.84 -8.30
N LEU A 70 23.43 6.95 -9.07
CA LEU A 70 23.85 5.56 -9.07
C LEU A 70 24.49 5.23 -10.40
N ALA A 71 25.47 4.33 -10.39
CA ALA A 71 26.08 3.89 -11.62
C ALA A 71 25.01 3.03 -12.32
N PRO A 72 25.11 2.87 -13.65
CA PRO A 72 24.11 2.05 -14.36
C PRO A 72 23.94 0.66 -13.76
N SER A 73 25.04 -0.02 -13.48
CA SER A 73 25.01 -1.35 -12.91
C SER A 73 24.41 -1.43 -11.50
N GLU A 74 24.26 -0.28 -10.84
CA GLU A 74 23.67 -0.26 -9.51
C GLU A 74 22.15 -0.22 -9.58
N THR A 75 21.62 -0.05 -10.80
CA THR A 75 20.18 -0.04 -11.03
C THR A 75 19.72 -1.36 -11.68
N ASP A 76 20.69 -2.18 -12.09
CA ASP A 76 20.41 -3.46 -12.74
C ASP A 76 19.41 -4.33 -11.97
N GLY A 77 18.30 -4.65 -12.63
CA GLY A 77 17.29 -5.49 -12.01
C GLY A 77 16.18 -4.79 -11.23
N VAL A 78 16.34 -3.49 -10.97
CA VAL A 78 15.32 -2.74 -10.24
C VAL A 78 14.82 -1.51 -11.00
N ARG A 79 15.08 -1.48 -12.31
CA ARG A 79 14.65 -0.35 -13.13
C ARG A 79 13.14 -0.29 -13.35
N TYR A 80 12.45 -1.40 -13.09
CA TYR A 80 10.99 -1.46 -13.24
C TYR A 80 10.26 -0.46 -12.36
N ALA A 81 10.89 -0.07 -11.26
CA ALA A 81 10.31 0.90 -10.32
C ALA A 81 10.23 2.29 -10.95
N MET A 82 11.32 2.72 -11.60
CA MET A 82 11.35 4.02 -12.26
C MET A 82 10.49 3.98 -13.52
N GLU A 83 10.39 2.78 -14.11
CA GLU A 83 9.60 2.57 -15.32
C GLU A 83 8.13 2.38 -15.01
N ARG A 84 7.78 2.50 -13.74
CA ARG A 84 6.40 2.39 -13.28
C ARG A 84 5.70 1.09 -13.64
N ARG A 85 6.44 0.00 -13.59
CA ARG A 85 5.87 -1.32 -13.87
C ARG A 85 5.36 -1.82 -12.52
N LEU A 86 4.19 -1.33 -12.13
CA LEU A 86 3.59 -1.69 -10.84
C LEU A 86 3.01 -3.10 -10.67
N ASN A 87 2.95 -3.89 -11.73
CA ASN A 87 2.46 -5.26 -11.64
C ASN A 87 3.64 -6.22 -11.48
N THR A 88 4.84 -5.66 -11.36
CA THR A 88 6.05 -6.45 -11.18
C THR A 88 6.01 -7.20 -9.85
N VAL A 89 6.27 -8.50 -9.92
CA VAL A 89 6.30 -9.36 -8.75
C VAL A 89 7.76 -9.34 -8.30
N GLU A 90 8.02 -8.65 -7.20
CA GLU A 90 9.38 -8.54 -6.69
C GLU A 90 9.97 -9.82 -6.14
N GLN A 91 11.28 -9.99 -6.36
CA GLN A 91 12.00 -11.15 -5.86
C GLN A 91 13.24 -10.77 -5.05
N PHE A 92 13.03 -10.44 -3.78
CA PHE A 92 14.10 -10.09 -2.86
C PHE A 92 14.08 -11.16 -1.77
N ASP A 93 15.11 -11.18 -0.93
CA ASP A 93 15.17 -12.14 0.17
C ASP A 93 14.05 -11.83 1.17
N THR A 94 13.65 -12.82 1.97
CA THR A 94 12.56 -12.63 2.93
C THR A 94 12.80 -11.55 3.97
N GLN A 95 14.02 -11.44 4.46
CA GLN A 95 14.33 -10.43 5.46
C GLN A 95 14.05 -9.02 4.96
N LEU A 96 14.50 -8.73 3.75
CA LEU A 96 14.28 -7.42 3.14
C LEU A 96 12.80 -7.22 2.81
N SER A 97 12.14 -8.28 2.38
CA SER A 97 10.71 -8.21 2.02
C SER A 97 9.80 -7.92 3.18
N GLU A 98 9.96 -8.67 4.27
CA GLU A 98 9.13 -8.51 5.46
C GLU A 98 9.43 -7.21 6.19
N THR A 99 10.71 -6.90 6.32
CA THR A 99 11.13 -5.70 7.01
C THR A 99 10.97 -4.43 6.18
N CYS A 100 11.43 -4.46 4.94
CA CYS A 100 11.41 -3.28 4.07
C CYS A 100 10.55 -3.22 2.83
N GLY A 101 9.94 -4.32 2.43
CA GLY A 101 9.12 -4.29 1.23
C GLY A 101 7.67 -4.64 1.42
N ARG A 102 7.18 -4.59 2.66
CA ARG A 102 5.79 -4.93 2.94
C ARG A 102 4.84 -3.74 2.85
N CYS A 103 5.40 -2.55 2.74
CA CYS A 103 4.63 -1.32 2.64
C CYS A 103 4.76 -0.83 1.20
N HIS A 104 5.97 -0.38 0.87
CA HIS A 104 6.31 0.06 -0.47
C HIS A 104 7.18 -1.06 -1.04
N SER A 105 7.62 -0.89 -2.29
CA SER A 105 8.43 -1.89 -2.96
C SER A 105 9.82 -2.02 -2.34
N GLY A 106 10.44 -3.17 -2.54
CA GLY A 106 11.80 -3.39 -2.06
C GLY A 106 12.76 -2.72 -3.02
N ALA A 107 12.28 -2.38 -4.22
CA ALA A 107 13.10 -1.70 -5.24
C ALA A 107 13.43 -0.27 -4.82
N ARG A 108 12.53 0.35 -4.06
CA ARG A 108 12.72 1.72 -3.56
C ARG A 108 13.95 1.74 -2.66
N VAL A 109 14.20 0.63 -1.97
CA VAL A 109 15.33 0.47 -1.09
C VAL A 109 16.61 0.23 -1.89
N ALA A 110 16.54 -0.71 -2.84
CA ALA A 110 17.67 -1.08 -3.70
C ALA A 110 18.13 0.03 -4.65
N LEU A 111 17.29 1.04 -4.86
CA LEU A 111 17.63 2.15 -5.74
C LEU A 111 18.33 3.28 -4.98
N GLN A 112 18.90 2.93 -3.83
CA GLN A 112 19.63 3.88 -2.99
C GLN A 112 20.92 3.24 -2.45
N ARG A 113 21.92 4.08 -2.22
CA ARG A 113 23.21 3.65 -1.68
C ARG A 113 23.52 4.53 -0.47
N ARG A 114 23.76 3.91 0.68
CA ARG A 114 24.03 4.66 1.91
C ARG A 114 24.97 3.94 2.86
N PRO A 115 25.70 4.69 3.71
CA PRO A 115 26.60 4.05 4.66
C PRO A 115 25.70 3.57 5.80
N ALA A 116 26.21 2.69 6.66
CA ALA A 116 25.42 2.15 7.76
C ALA A 116 24.68 3.15 8.64
N LYS A 117 25.30 4.28 8.96
CA LYS A 117 24.67 5.30 9.81
C LYS A 117 23.46 5.94 9.16
N GLU A 118 23.50 6.09 7.83
CA GLU A 118 22.39 6.68 7.10
C GLU A 118 21.23 5.67 6.99
N TRP A 119 21.56 4.38 7.04
CA TRP A 119 20.55 3.33 7.01
C TRP A 119 19.94 3.25 8.40
N GLU A 120 20.75 3.53 9.43
CA GLU A 120 20.28 3.52 10.81
C GLU A 120 19.35 4.71 11.07
N HIS A 121 19.69 5.87 10.50
CA HIS A 121 18.86 7.06 10.63
C HIS A 121 17.52 6.81 9.95
N LEU A 122 17.58 6.10 8.82
CA LEU A 122 16.37 5.77 8.07
C LEU A 122 15.42 4.91 8.90
N VAL A 123 15.94 3.90 9.59
CA VAL A 123 15.10 3.04 10.42
C VAL A 123 14.41 3.84 11.53
N ASN A 124 15.15 4.73 12.19
CA ASN A 124 14.59 5.57 13.25
C ASN A 124 13.51 6.49 12.74
N PHE A 125 13.69 7.01 11.52
CA PHE A 125 12.69 7.88 10.91
C PHE A 125 11.38 7.14 10.67
N HIS A 126 11.46 5.90 10.20
CA HIS A 126 10.27 5.10 9.94
C HIS A 126 9.43 4.89 11.18
N LEU A 127 10.04 4.31 12.21
CA LEU A 127 9.34 4.04 13.47
C LEU A 127 8.94 5.35 14.15
N GLY A 128 9.68 6.43 13.89
CA GLY A 128 9.38 7.72 14.49
C GLY A 128 8.20 8.42 13.83
N GLN A 129 8.19 8.39 12.50
CA GLN A 129 7.14 9.02 11.70
C GLN A 129 5.83 8.21 11.73
N TRP A 130 5.96 6.88 11.78
CA TRP A 130 4.80 5.99 11.82
C TRP A 130 4.95 5.05 13.01
N PRO A 131 4.56 5.51 14.21
CA PRO A 131 4.64 4.73 15.46
C PRO A 131 3.96 3.37 15.40
N SER A 132 2.92 3.22 14.58
CA SER A 132 2.19 1.96 14.48
C SER A 132 2.96 0.89 13.70
N LEU A 133 4.08 1.28 13.08
CA LEU A 133 4.89 0.37 12.30
C LEU A 133 5.16 -0.98 12.97
N GLU A 134 5.65 -0.94 14.20
CA GLU A 134 5.99 -2.15 14.96
C GLU A 134 4.80 -2.96 15.51
N TYR A 135 3.58 -2.52 15.22
CA TYR A 135 2.38 -3.21 15.67
C TYR A 135 1.68 -3.87 14.49
N GLN A 136 2.15 -3.57 13.28
CA GLN A 136 1.57 -4.10 12.05
C GLN A 136 2.02 -5.53 11.76
N ALA A 137 1.37 -6.16 10.79
CA ALA A 137 1.71 -7.53 10.40
C ALA A 137 3.17 -7.61 9.98
N GLN A 138 3.84 -8.68 10.39
CA GLN A 138 5.26 -8.92 10.11
C GLN A 138 6.17 -7.98 10.91
N ALA A 139 5.64 -7.47 12.01
CA ALA A 139 6.36 -6.57 12.89
C ALA A 139 6.00 -6.89 14.34
N ARG A 140 4.71 -7.09 14.61
CA ARG A 140 4.20 -7.40 15.96
C ARG A 140 4.60 -8.81 16.44
N ASP A 141 5.10 -9.62 15.51
CA ASP A 141 5.50 -10.99 15.81
C ASP A 141 6.97 -11.12 16.15
N ARG A 142 7.67 -10.00 16.17
CA ARG A 142 9.10 -10.00 16.45
C ARG A 142 9.54 -8.69 17.11
N ASP A 143 10.78 -8.65 17.61
CA ASP A 143 11.32 -7.42 18.19
C ASP A 143 11.80 -6.63 16.97
N TRP A 144 10.88 -5.92 16.34
CA TRP A 144 11.18 -5.17 15.13
C TRP A 144 12.38 -4.22 15.16
N LEU A 145 12.42 -3.31 16.13
CA LEU A 145 13.52 -2.35 16.20
C LEU A 145 14.92 -2.99 16.33
N PRO A 146 15.13 -3.89 17.31
CA PRO A 146 16.44 -4.55 17.49
C PRO A 146 16.91 -5.30 16.24
N ILE A 147 15.98 -6.03 15.61
CA ILE A 147 16.26 -6.80 14.40
C ILE A 147 16.64 -5.85 13.26
N ALA A 148 15.90 -4.77 13.12
CA ALA A 148 16.14 -3.80 12.06
C ALA A 148 17.49 -3.09 12.21
N LEU A 149 17.87 -2.79 13.45
CA LEU A 149 19.13 -2.10 13.70
C LEU A 149 20.33 -3.02 13.72
N GLN A 150 20.18 -4.20 14.30
CA GLN A 150 21.28 -5.16 14.41
C GLN A 150 21.48 -6.11 13.23
N GLN A 151 20.38 -6.50 12.58
CA GLN A 151 20.47 -7.42 11.45
C GLN A 151 20.35 -6.71 10.11
N VAL A 152 19.27 -5.94 9.95
CA VAL A 152 18.98 -5.25 8.70
C VAL A 152 19.91 -4.11 8.31
N VAL A 153 20.18 -3.19 9.24
CA VAL A 153 21.06 -2.05 8.92
C VAL A 153 22.41 -2.49 8.36
N PRO A 154 23.10 -3.45 9.02
CA PRO A 154 24.40 -3.95 8.55
C PRO A 154 24.33 -4.67 7.20
N ASP A 155 23.20 -5.31 6.92
CA ASP A 155 23.00 -6.03 5.66
C ASP A 155 22.78 -5.00 4.56
N LEU A 156 21.94 -3.99 4.84
CA LEU A 156 21.64 -2.94 3.89
C LEU A 156 22.91 -2.18 3.52
N ALA A 157 23.80 -2.00 4.51
CA ALA A 157 25.05 -1.29 4.29
C ALA A 157 26.03 -2.08 3.44
N LYS A 158 26.00 -3.40 3.58
CA LYS A 158 26.89 -4.25 2.81
C LYS A 158 26.39 -4.43 1.36
N ARG A 159 25.08 -4.56 1.21
CA ARG A 159 24.46 -4.75 -0.09
C ARG A 159 24.38 -3.45 -0.90
N TYR A 160 24.07 -2.35 -0.21
CA TYR A 160 23.92 -1.05 -0.87
C TYR A 160 24.74 0.04 -0.19
N PRO A 161 26.08 -0.04 -0.28
CA PRO A 161 27.01 0.93 0.31
C PRO A 161 27.15 2.23 -0.45
N LEU A 162 27.50 3.29 0.27
CA LEU A 162 27.68 4.61 -0.32
C LEU A 162 28.80 4.55 -1.36
N GLU A 163 29.91 3.90 -1.00
CA GLU A 163 31.02 3.78 -1.92
C GLU A 163 31.13 2.41 -2.56
N SER A 164 31.43 2.42 -3.86
CA SER A 164 31.59 1.21 -4.65
C SER A 164 32.47 1.56 -5.84
N ALA A 165 33.10 0.54 -6.42
CA ALA A 165 33.96 0.74 -7.57
C ALA A 165 33.14 1.24 -8.75
N ALA A 166 31.93 0.73 -8.87
CA ALA A 166 31.00 1.08 -9.94
C ALA A 166 30.73 2.58 -10.02
N TRP A 167 30.45 3.18 -8.86
CA TRP A 167 30.17 4.61 -8.80
C TRP A 167 31.42 5.44 -9.09
N ALA A 168 32.56 4.98 -8.57
CA ALA A 168 33.84 5.68 -8.77
C ALA A 168 34.22 5.68 -10.23
N GLU A 169 34.09 4.52 -10.87
CA GLU A 169 34.42 4.35 -12.29
C GLU A 169 33.39 4.97 -13.20
N TRP A 170 32.20 5.20 -12.68
CA TRP A 170 31.16 5.84 -13.47
C TRP A 170 31.39 7.36 -13.50
N GLN A 171 31.80 7.92 -12.36
CA GLN A 171 32.07 9.36 -12.26
C GLN A 171 33.17 9.81 -13.24
N LYS A 172 34.06 8.89 -13.59
CA LYS A 172 35.14 9.19 -14.53
C LYS A 172 34.76 8.88 -15.98
N ALA A 173 34.05 7.78 -16.19
CA ALA A 173 33.65 7.37 -17.52
C ALA A 173 32.31 7.89 -17.99
N ARG A 174 31.66 8.74 -17.19
CA ARG A 174 30.35 9.31 -17.53
C ARG A 174 30.37 10.20 -18.77
N PRO A 175 29.61 9.82 -19.82
CA PRO A 175 29.55 10.60 -21.07
C PRO A 175 28.77 11.91 -20.93
N LYS A 176 29.00 12.83 -21.86
CA LYS A 176 28.29 14.11 -21.84
C LYS A 176 26.99 13.98 -22.65
N ALA A 177 26.14 15.00 -22.56
CA ALA A 177 24.87 15.01 -23.26
C ALA A 177 25.04 15.27 -24.76
N ASP A 178 26.24 15.69 -25.15
CA ASP A 178 26.53 15.95 -26.56
C ASP A 178 26.56 14.64 -27.36
N ALA A 179 26.62 13.52 -26.66
CA ALA A 179 26.65 12.20 -27.29
C ALA A 179 25.28 11.66 -27.70
N LEU A 180 24.21 12.35 -27.30
CA LEU A 180 22.85 11.91 -27.60
C LEU A 180 22.13 12.49 -28.83
N PRO A 181 22.44 13.74 -29.22
CA PRO A 181 21.74 14.30 -30.39
C PRO A 181 21.94 13.48 -31.67
N GLY A 182 20.90 13.44 -32.50
CA GLY A 182 20.96 12.70 -33.75
C GLY A 182 19.64 12.00 -34.00
N GLN A 183 19.63 11.05 -34.94
CA GLN A 183 18.41 10.32 -35.24
C GLN A 183 18.47 9.00 -34.51
N TRP A 184 17.31 8.56 -34.01
CA TRP A 184 17.23 7.32 -33.27
C TRP A 184 16.12 6.42 -33.75
N ALA A 185 16.47 5.30 -34.36
CA ALA A 185 15.47 4.35 -34.83
C ALA A 185 14.93 3.61 -33.62
N PHE A 186 13.62 3.58 -33.45
CA PHE A 186 13.04 2.87 -32.32
C PHE A 186 12.01 1.80 -32.67
N SER A 187 11.85 0.87 -31.73
CA SER A 187 10.91 -0.22 -31.83
C SER A 187 10.35 -0.40 -30.44
N GLY A 188 9.10 -0.81 -30.36
CA GLY A 188 8.47 -1.01 -29.07
C GLY A 188 7.17 -1.77 -29.20
N HIS A 189 6.55 -2.06 -28.05
CA HIS A 189 5.30 -2.78 -28.03
C HIS A 189 4.42 -2.35 -26.86
N MET A 190 3.16 -2.07 -27.16
CA MET A 190 2.22 -1.69 -26.13
C MET A 190 1.25 -2.87 -25.91
N LEU A 191 1.20 -3.37 -24.69
CA LEU A 191 0.32 -4.48 -24.33
C LEU A 191 -1.10 -4.17 -24.75
N ALA A 192 -1.75 -5.13 -25.39
CA ALA A 192 -3.13 -4.97 -25.86
C ALA A 192 -3.32 -3.96 -26.98
N LYS A 193 -2.23 -3.42 -27.52
CA LYS A 193 -2.30 -2.46 -28.62
C LYS A 193 -1.47 -2.91 -29.81
N GLY A 194 -0.24 -3.33 -29.55
CA GLY A 194 0.61 -3.82 -30.61
C GLY A 194 1.95 -3.15 -30.77
N ASP A 195 2.67 -3.60 -31.80
CA ASP A 195 3.99 -3.09 -32.12
C ASP A 195 3.98 -1.64 -32.56
N VAL A 196 5.13 -1.00 -32.40
CA VAL A 196 5.31 0.39 -32.75
C VAL A 196 6.75 0.53 -33.24
N ARG A 197 6.97 1.41 -34.21
CA ARG A 197 8.29 1.64 -34.76
C ARG A 197 8.36 3.02 -35.37
N GLY A 198 9.56 3.58 -35.42
CA GLY A 198 9.71 4.91 -35.99
C GLY A 198 11.09 5.49 -35.75
N VAL A 199 11.17 6.81 -35.86
CA VAL A 199 12.42 7.53 -35.66
C VAL A 199 12.22 8.68 -34.70
N MET A 200 13.12 8.75 -33.73
CA MET A 200 13.09 9.80 -32.75
C MET A 200 14.28 10.71 -33.00
N SER A 201 13.97 11.96 -33.28
CA SER A 201 14.97 12.96 -33.55
C SER A 201 15.25 13.73 -32.24
N VAL A 202 16.50 13.67 -31.80
CA VAL A 202 16.92 14.35 -30.59
C VAL A 202 17.82 15.50 -31.01
N THR A 203 17.47 16.71 -30.61
CA THR A 203 18.29 17.89 -30.94
C THR A 203 18.59 18.59 -29.62
N PRO A 204 19.75 19.23 -29.51
CA PRO A 204 20.14 19.93 -28.27
C PRO A 204 19.29 21.16 -27.91
N ASP A 205 19.43 21.55 -26.66
CA ASP A 205 18.74 22.70 -26.10
C ASP A 205 19.65 23.15 -24.95
N GLN A 206 19.13 23.98 -24.05
CA GLN A 206 19.91 24.46 -22.92
C GLN A 206 20.46 23.35 -21.99
N GLY A 207 21.78 23.29 -21.85
CA GLY A 207 22.42 22.32 -20.97
C GLY A 207 22.27 20.84 -21.26
N ASP A 208 21.67 20.10 -20.32
CA ASP A 208 21.44 18.66 -20.48
C ASP A 208 20.02 18.34 -20.90
N THR A 209 19.32 19.33 -21.46
CA THR A 209 17.96 19.15 -21.93
C THR A 209 17.99 19.06 -23.46
N PHE A 210 16.93 18.52 -24.06
CA PHE A 210 16.86 18.36 -25.50
C PHE A 210 15.44 18.55 -25.98
N LYS A 211 15.33 18.74 -27.30
CA LYS A 211 14.04 18.86 -27.99
C LYS A 211 13.89 17.46 -28.57
N VAL A 212 12.68 16.92 -28.58
CA VAL A 212 12.46 15.56 -29.06
C VAL A 212 11.33 15.49 -30.06
N GLU A 213 11.52 14.69 -31.10
CA GLU A 213 10.51 14.51 -32.14
C GLU A 213 10.37 13.03 -32.43
N VAL A 214 9.16 12.53 -32.24
CA VAL A 214 8.87 11.12 -32.48
C VAL A 214 8.05 11.01 -33.75
N LYS A 215 8.51 10.19 -34.69
CA LYS A 215 7.81 9.97 -35.95
C LYS A 215 7.68 8.48 -36.24
N GLY A 216 6.46 7.95 -36.15
CA GLY A 216 6.27 6.54 -36.41
C GLY A 216 4.81 6.13 -36.43
N ALA A 217 4.57 4.85 -36.20
CA ALA A 217 3.21 4.33 -36.18
C ALA A 217 3.21 2.95 -35.57
N TYR A 218 2.01 2.48 -35.24
CA TYR A 218 1.84 1.14 -34.68
C TYR A 218 1.66 0.20 -35.86
N ALA A 219 1.76 -1.10 -35.60
CA ALA A 219 1.61 -2.09 -36.66
C ALA A 219 0.21 -2.05 -37.27
N ASP A 220 -0.78 -1.54 -36.52
CA ASP A 220 -2.16 -1.47 -37.02
C ASP A 220 -2.48 -0.20 -37.82
N GLY A 221 -1.48 0.65 -38.04
CA GLY A 221 -1.70 1.86 -38.81
C GLY A 221 -2.00 3.14 -38.04
N THR A 222 -2.25 3.03 -36.73
CA THR A 222 -2.51 4.21 -35.92
C THR A 222 -1.16 4.95 -35.78
N PRO A 223 -1.14 6.27 -36.02
CA PRO A 223 0.06 7.10 -35.93
C PRO A 223 0.72 7.21 -34.56
N PHE A 224 2.02 7.45 -34.57
CA PHE A 224 2.79 7.64 -33.35
C PHE A 224 3.75 8.81 -33.60
N ASN A 225 3.16 9.99 -33.75
CA ASN A 225 3.94 11.20 -33.99
C ASN A 225 3.76 12.14 -32.82
N GLY A 226 4.88 12.66 -32.32
CA GLY A 226 4.83 13.57 -31.20
C GLY A 226 6.02 14.50 -31.10
N SER A 227 5.86 15.46 -30.20
CA SER A 227 6.87 16.47 -29.94
C SER A 227 6.95 16.66 -28.43
N GLY A 228 8.16 16.87 -27.92
CA GLY A 228 8.34 17.08 -26.50
C GLY A 228 9.75 17.44 -26.15
N SER A 229 10.14 17.17 -24.92
CA SER A 229 11.49 17.49 -24.47
C SER A 229 11.98 16.44 -23.49
N ALA A 230 13.27 16.50 -23.18
CA ALA A 230 13.87 15.56 -22.26
C ALA A 230 15.09 16.16 -21.57
N ILE A 231 15.42 15.59 -20.41
CA ILE A 231 16.57 15.99 -19.63
C ILE A 231 17.36 14.72 -19.42
N LEU A 232 18.65 14.87 -19.20
CA LEU A 232 19.53 13.74 -19.00
C LEU A 232 20.24 13.89 -17.65
N TYR A 233 19.99 12.92 -16.77
CA TYR A 233 20.57 12.89 -15.42
C TYR A 233 21.70 11.89 -15.35
N ASN A 234 22.76 12.26 -14.64
CA ASN A 234 23.91 11.40 -14.43
C ASN A 234 24.50 10.74 -15.69
N GLY A 235 24.39 11.44 -16.82
CA GLY A 235 24.95 10.93 -18.06
C GLY A 235 24.27 9.79 -18.76
N TYR A 236 23.22 9.21 -18.15
CA TYR A 236 22.52 8.10 -18.78
C TYR A 236 21.01 8.05 -18.48
N GLU A 237 20.60 8.62 -17.34
CA GLU A 237 19.19 8.61 -16.95
C GLU A 237 18.34 9.62 -17.72
N TRP A 238 17.76 9.13 -18.80
CA TRP A 238 16.92 9.92 -19.69
C TRP A 238 15.48 10.02 -19.20
N ARG A 239 15.01 11.25 -19.04
CA ARG A 239 13.64 11.50 -18.61
C ARG A 239 13.01 12.45 -19.61
N GLY A 240 11.96 12.00 -20.27
CA GLY A 240 11.32 12.86 -21.25
C GLY A 240 9.82 12.88 -21.21
N ASN A 241 9.26 13.86 -21.91
CA ASN A 241 7.82 13.99 -22.00
C ASN A 241 7.51 14.33 -23.45
N VAL A 242 6.73 13.46 -24.09
CA VAL A 242 6.38 13.64 -25.47
C VAL A 242 4.88 13.54 -25.68
N LYS A 243 4.32 14.64 -26.15
CA LYS A 243 2.90 14.74 -26.43
C LYS A 243 2.60 14.04 -27.75
N VAL A 244 2.14 12.79 -27.67
CA VAL A 244 1.79 12.00 -28.85
C VAL A 244 0.28 11.96 -28.97
N GLY A 245 -0.24 12.75 -29.89
CA GLY A 245 -1.68 12.84 -30.07
C GLY A 245 -2.30 13.69 -28.98
N ASP A 246 -3.20 13.09 -28.21
CA ASP A 246 -3.89 13.77 -27.12
C ASP A 246 -3.34 13.37 -25.76
N ALA A 247 -2.26 12.60 -25.75
CA ALA A 247 -1.67 12.16 -24.49
C ALA A 247 -0.21 12.51 -24.31
N ASN A 248 0.13 12.90 -23.08
CA ASN A 248 1.51 13.20 -22.76
C ASN A 248 2.11 11.89 -22.29
N LEU A 249 3.22 11.50 -22.89
CA LEU A 249 3.88 10.26 -22.52
C LEU A 249 5.23 10.55 -21.88
N ARG A 250 5.47 9.95 -20.73
CA ARG A 250 6.74 10.08 -20.03
C ARG A 250 7.68 9.01 -20.60
N GLN A 251 8.96 9.34 -20.71
CA GLN A 251 9.95 8.41 -21.21
C GLN A 251 10.98 8.22 -20.11
N VAL A 252 11.13 6.99 -19.65
CA VAL A 252 12.12 6.67 -18.63
C VAL A 252 13.04 5.64 -19.28
N PHE A 253 14.13 6.15 -19.88
CA PHE A 253 15.09 5.29 -20.55
C PHE A 253 16.45 5.40 -19.91
N ALA A 254 17.29 4.43 -20.25
CA ALA A 254 18.67 4.40 -19.80
C ALA A 254 19.37 4.51 -21.14
N ALA A 255 20.08 5.60 -21.34
CA ALA A 255 20.81 5.88 -22.57
C ALA A 255 22.27 5.50 -22.37
N LEU A 256 22.65 4.35 -22.91
CA LEU A 256 24.01 3.84 -22.80
C LEU A 256 24.53 3.25 -24.10
N ASP A 257 25.77 3.61 -24.47
CA ASP A 257 26.41 3.07 -25.68
C ASP A 257 25.58 3.31 -26.97
N GLY A 258 25.02 4.51 -27.09
CA GLY A 258 24.20 4.85 -28.26
C GLY A 258 22.97 3.97 -28.42
N GLU A 259 22.42 3.55 -27.30
CA GLU A 259 21.26 2.68 -27.27
C GLU A 259 20.39 3.15 -26.11
N MET A 260 19.09 3.24 -26.35
CA MET A 260 18.16 3.66 -25.32
C MET A 260 17.19 2.55 -24.99
N LYS A 261 17.14 2.18 -23.72
CA LYS A 261 16.23 1.13 -23.30
C LYS A 261 15.40 1.62 -22.14
N GLY A 262 14.11 1.34 -22.22
CA GLY A 262 13.21 1.75 -21.15
C GLY A 262 11.75 1.56 -21.46
N ARG A 263 10.94 2.48 -20.96
CA ARG A 263 9.51 2.42 -21.13
C ARG A 263 8.92 3.79 -21.33
N MET A 264 7.90 3.87 -22.17
CA MET A 264 7.22 5.11 -22.45
C MET A 264 5.77 4.88 -22.05
N PHE A 265 5.26 5.68 -21.13
CA PHE A 265 3.89 5.51 -20.66
C PHE A 265 3.12 6.80 -20.51
N GLU A 266 1.81 6.69 -20.39
CA GLU A 266 0.98 7.87 -20.20
C GLU A 266 1.27 8.46 -18.84
N ALA A 267 1.65 9.74 -18.84
CA ALA A 267 1.98 10.47 -17.63
C ALA A 267 0.94 10.31 -16.53
N GLU A 268 -0.30 10.10 -16.97
CA GLU A 268 -1.43 9.98 -16.07
C GLU A 268 -1.80 8.52 -15.72
N HIS A 269 -1.42 7.59 -16.60
CA HIS A 269 -1.74 6.19 -16.42
C HIS A 269 -0.53 5.34 -16.74
N ASP A 270 0.15 4.86 -15.72
CA ASP A 270 1.34 4.05 -15.97
C ASP A 270 1.17 2.61 -16.37
N GLU A 271 -0.06 2.12 -16.43
CA GLU A 271 -0.32 0.75 -16.90
C GLU A 271 -0.45 0.82 -18.41
N ARG A 272 -0.63 2.04 -18.92
CA ARG A 272 -0.77 2.27 -20.34
C ARG A 272 0.55 2.76 -20.89
N GLY A 273 1.37 1.82 -21.33
CA GLY A 273 2.67 2.17 -21.87
C GLY A 273 3.18 1.15 -22.86
N LEU A 274 4.40 1.37 -23.32
CA LEU A 274 5.01 0.48 -24.28
C LEU A 274 6.48 0.26 -23.96
N ASP A 275 6.97 -0.94 -24.23
CA ASP A 275 8.38 -1.24 -24.02
C ASP A 275 9.07 -0.45 -25.10
N PHE A 276 10.26 0.04 -24.81
CA PHE A 276 10.93 0.87 -25.77
C PHE A 276 12.43 0.63 -25.88
N THR A 277 12.87 0.38 -27.10
CA THR A 277 14.27 0.15 -27.37
C THR A 277 14.59 0.97 -28.61
N ALA A 278 15.74 1.65 -28.59
CA ALA A 278 16.13 2.47 -29.73
C ALA A 278 17.62 2.38 -29.95
N VAL A 279 18.05 2.79 -31.15
CA VAL A 279 19.46 2.75 -31.51
C VAL A 279 19.81 4.01 -32.30
N LYS A 280 20.93 4.65 -31.92
CA LYS A 280 21.36 5.85 -32.59
C LYS A 280 22.01 5.55 -33.94
N GLU A 281 21.75 6.43 -34.89
CA GLU A 281 22.30 6.32 -36.22
C GLU A 281 23.82 6.34 -36.10
N GLY A 282 24.49 5.67 -37.03
CA GLY A 282 25.95 5.62 -36.98
C GLY A 282 26.49 4.23 -36.75
N LYS A 283 25.67 3.34 -36.18
CA LYS A 283 26.07 1.95 -35.92
C LYS A 283 24.97 1.09 -36.52
N ALA A 284 25.34 0.09 -37.32
CA ALA A 284 24.38 -0.82 -37.95
C ALA A 284 23.82 -1.83 -36.95
N ARG A 285 22.53 -1.73 -36.70
CA ARG A 285 21.84 -2.62 -35.78
C ARG A 285 20.54 -3.08 -36.42
N LEU A 286 20.04 -4.23 -35.97
CA LEU A 286 18.79 -4.79 -36.46
C LEU A 286 17.96 -4.94 -35.19
N LEU A 287 17.08 -3.96 -34.96
CA LEU A 287 16.21 -3.91 -33.79
C LEU A 287 15.16 -4.99 -33.61
N ALA A 288 14.25 -5.12 -34.58
CA ALA A 288 13.17 -6.10 -34.47
C ALA A 288 12.50 -6.48 -35.79
N VAL A 289 11.73 -7.56 -35.74
CA VAL A 289 10.96 -8.06 -36.87
C VAL A 289 9.53 -7.84 -36.38
N GLN A 290 8.68 -7.25 -37.20
CA GLN A 290 7.30 -7.00 -36.79
C GLN A 290 6.32 -7.41 -37.90
N PRO A 291 5.59 -8.53 -37.71
CA PRO A 291 5.57 -9.45 -36.56
C PRO A 291 6.80 -10.31 -36.50
N ALA A 292 6.97 -11.00 -35.37
CA ALA A 292 8.11 -11.89 -35.17
C ALA A 292 7.72 -13.35 -35.34
N PHE A 293 6.64 -13.59 -36.08
CA PHE A 293 6.16 -14.94 -36.34
C PHE A 293 5.51 -15.03 -37.71
N ILE A 294 5.58 -16.20 -38.33
CA ILE A 294 4.98 -16.44 -39.63
C ILE A 294 4.46 -17.87 -39.61
N LYS A 295 3.17 -18.01 -39.86
CA LYS A 295 2.55 -19.33 -39.87
C LYS A 295 2.96 -20.04 -41.15
N ALA A 296 3.24 -21.34 -41.04
CA ALA A 296 3.65 -22.16 -42.17
C ALA A 296 2.51 -22.19 -43.19
N GLY A 297 2.86 -21.96 -44.46
CA GLY A 297 1.85 -21.94 -45.50
C GLY A 297 1.03 -20.68 -45.44
N GLY A 298 1.68 -19.59 -45.03
CA GLY A 298 0.98 -18.31 -44.92
C GLY A 298 1.63 -17.16 -45.66
N GLU A 299 0.87 -16.08 -45.77
CA GLU A 299 1.30 -14.84 -46.42
C GLU A 299 1.20 -13.74 -45.36
N SER A 300 2.28 -12.99 -45.17
CA SER A 300 2.26 -11.93 -44.17
C SER A 300 3.18 -10.76 -44.48
N GLU A 301 2.71 -9.56 -44.12
CA GLU A 301 3.47 -8.34 -44.32
C GLU A 301 4.38 -8.20 -43.11
N ILE A 302 5.68 -8.36 -43.34
CA ILE A 302 6.64 -8.24 -42.26
C ILE A 302 7.50 -7.01 -42.47
N THR A 303 7.77 -6.29 -41.40
CA THR A 303 8.59 -5.11 -41.47
C THR A 303 9.76 -5.22 -40.50
N LEU A 304 10.95 -4.90 -40.99
CA LEU A 304 12.18 -4.94 -40.20
C LEU A 304 12.51 -3.54 -39.72
N VAL A 305 12.85 -3.42 -38.44
CA VAL A 305 13.18 -2.14 -37.84
C VAL A 305 14.66 -2.18 -37.48
N GLY A 306 15.36 -1.06 -37.68
CA GLY A 306 16.76 -1.04 -37.34
C GLY A 306 17.50 0.22 -37.75
N SER A 307 18.82 0.16 -37.64
CA SER A 307 19.67 1.28 -38.00
C SER A 307 20.75 0.82 -38.97
N GLY A 308 20.91 1.57 -40.06
CA GLY A 308 21.92 1.24 -41.05
C GLY A 308 21.61 -0.04 -41.80
N LEU A 309 20.35 -0.21 -42.19
CA LEU A 309 19.91 -1.41 -42.91
C LEU A 309 20.26 -1.31 -44.40
N ALA A 310 21.13 -2.20 -44.85
CA ALA A 310 21.54 -2.24 -46.25
C ALA A 310 21.79 -3.68 -46.63
N GLY A 311 21.25 -4.08 -47.78
CA GLY A 311 21.42 -5.43 -48.22
C GLY A 311 20.10 -6.06 -48.56
N LYS A 312 20.15 -7.37 -48.79
CA LYS A 312 18.96 -8.11 -49.14
C LYS A 312 18.49 -8.89 -47.92
N PRO A 313 17.19 -8.80 -47.60
CA PRO A 313 16.61 -9.51 -46.46
C PRO A 313 16.47 -11.01 -46.68
N ASP A 314 17.03 -11.78 -45.75
CA ASP A 314 16.86 -13.22 -45.81
C ASP A 314 16.19 -13.58 -44.51
N LEU A 315 15.02 -14.19 -44.61
CA LEU A 315 14.24 -14.57 -43.43
C LEU A 315 14.37 -16.03 -43.03
N GLY A 316 15.37 -16.74 -43.59
CA GLY A 316 15.57 -18.14 -43.24
C GLY A 316 14.88 -19.20 -44.11
N ALA A 317 15.23 -20.46 -43.86
CA ALA A 317 14.70 -21.62 -44.58
C ALA A 317 13.18 -21.78 -44.61
N GLY A 318 12.60 -21.84 -45.80
CA GLY A 318 11.16 -22.03 -45.92
C GLY A 318 10.36 -20.76 -45.97
N VAL A 319 11.03 -19.62 -45.80
CA VAL A 319 10.36 -18.33 -45.83
C VAL A 319 10.78 -17.58 -47.08
N GLU A 320 9.80 -17.12 -47.84
CA GLU A 320 10.02 -16.41 -49.09
C GLU A 320 9.65 -14.93 -49.08
N VAL A 321 10.59 -14.08 -49.50
CA VAL A 321 10.33 -12.63 -49.55
C VAL A 321 9.73 -12.38 -50.93
N THR A 322 8.41 -12.22 -50.98
CA THR A 322 7.70 -12.02 -52.25
C THR A 322 7.62 -10.60 -52.84
N GLU A 323 7.74 -9.56 -52.01
CA GLU A 323 7.65 -8.19 -52.50
C GLU A 323 8.14 -7.18 -51.45
N VAL A 324 9.30 -6.59 -51.67
CA VAL A 324 9.85 -5.59 -50.75
C VAL A 324 9.09 -4.27 -50.96
N LEU A 325 8.03 -4.09 -50.17
CA LEU A 325 7.16 -2.92 -50.25
C LEU A 325 7.84 -1.60 -49.96
N GLU A 326 9.00 -1.66 -49.30
CA GLU A 326 9.74 -0.46 -48.95
C GLU A 326 11.08 -0.80 -48.33
N GLN A 327 12.09 -0.01 -48.62
CA GLN A 327 13.41 -0.25 -48.06
C GLN A 327 14.25 0.99 -47.77
N THR A 328 14.10 1.51 -46.55
CA THR A 328 14.88 2.67 -46.13
C THR A 328 15.88 2.11 -45.11
N PRO A 329 16.89 2.91 -44.73
CA PRO A 329 17.89 2.47 -43.76
C PRO A 329 17.37 2.08 -42.38
N THR A 330 16.20 2.59 -42.00
CA THR A 330 15.66 2.28 -40.67
C THR A 330 14.38 1.44 -40.68
N LEU A 331 13.86 1.18 -41.87
CA LEU A 331 12.63 0.40 -41.98
C LEU A 331 12.54 -0.32 -43.33
N VAL A 332 12.38 -1.63 -43.28
CA VAL A 332 12.25 -2.43 -44.49
C VAL A 332 10.93 -3.19 -44.44
N ARG A 333 9.99 -2.82 -45.31
CA ARG A 333 8.69 -3.49 -45.36
C ARG A 333 8.66 -4.49 -46.51
N LEU A 334 8.15 -5.69 -46.22
CA LEU A 334 8.10 -6.72 -47.23
C LEU A 334 6.92 -7.67 -47.07
N LYS A 335 6.63 -8.36 -48.15
CA LYS A 335 5.56 -9.35 -48.14
C LYS A 335 6.32 -10.65 -48.10
N ALA A 336 5.91 -11.55 -47.22
CA ALA A 336 6.60 -12.83 -47.12
C ALA A 336 5.60 -13.95 -47.20
N ARG A 337 6.10 -15.13 -47.50
CA ARG A 337 5.26 -16.31 -47.62
C ARG A 337 6.06 -17.49 -47.15
N ALA A 338 5.50 -18.26 -46.22
CA ALA A 338 6.15 -19.45 -45.71
C ALA A 338 5.50 -20.64 -46.39
N ALA A 339 6.31 -21.63 -46.78
CA ALA A 339 5.79 -22.81 -47.44
C ALA A 339 5.01 -23.61 -46.41
N ALA A 340 3.99 -24.34 -46.86
CA ALA A 340 3.20 -25.16 -45.94
C ALA A 340 4.11 -26.27 -45.40
N ASP A 341 5.26 -26.43 -46.06
CA ASP A 341 6.25 -27.43 -45.73
C ASP A 341 7.37 -26.89 -44.84
N ALA A 342 7.44 -25.56 -44.70
CA ALA A 342 8.46 -24.91 -43.88
C ALA A 342 8.47 -25.49 -42.47
N LYS A 343 9.63 -26.01 -42.05
CA LYS A 343 9.76 -26.60 -40.72
C LYS A 343 9.61 -25.57 -39.61
N PRO A 344 8.86 -25.92 -38.55
CA PRO A 344 8.65 -25.00 -37.43
C PRO A 344 9.95 -24.73 -36.66
N GLY A 345 10.20 -23.48 -36.33
CA GLY A 345 11.40 -23.13 -35.59
C GLY A 345 11.79 -21.68 -35.80
N GLN A 346 12.78 -21.21 -35.06
CA GLN A 346 13.23 -19.82 -35.19
C GLN A 346 14.16 -19.66 -36.39
N ARG A 347 14.10 -18.50 -37.02
CA ARG A 347 14.94 -18.20 -38.19
C ARG A 347 15.80 -16.99 -37.91
N GLU A 348 17.08 -17.09 -38.21
CA GLU A 348 17.94 -15.95 -37.98
C GLU A 348 17.73 -15.02 -39.14
N VAL A 349 17.03 -13.92 -38.88
CA VAL A 349 16.73 -12.92 -39.90
C VAL A 349 17.98 -12.09 -40.20
N ALA A 350 18.09 -11.60 -41.44
CA ALA A 350 19.23 -10.78 -41.85
C ALA A 350 18.90 -9.82 -42.97
N VAL A 351 19.60 -8.68 -42.98
CA VAL A 351 19.45 -7.68 -44.02
C VAL A 351 20.89 -7.46 -44.46
N GLY A 352 21.30 -8.19 -45.49
CA GLY A 352 22.67 -8.12 -45.95
C GLY A 352 23.42 -9.01 -44.98
N THR A 353 24.46 -8.48 -44.34
CA THR A 353 25.22 -9.25 -43.36
C THR A 353 24.71 -9.03 -41.92
N LEU A 354 23.82 -8.05 -41.74
CA LEU A 354 23.23 -7.75 -40.42
C LEU A 354 22.25 -8.82 -39.91
N LYS A 355 22.59 -9.43 -38.78
CA LYS A 355 21.76 -10.45 -38.14
C LYS A 355 21.42 -9.88 -36.77
N GLY A 356 20.64 -10.63 -35.98
CA GLY A 356 20.29 -10.16 -34.65
C GLY A 356 18.93 -10.56 -34.13
N VAL A 357 17.92 -10.54 -35.00
CA VAL A 357 16.56 -10.90 -34.62
C VAL A 357 16.10 -12.25 -35.15
N ASN A 358 15.13 -12.86 -34.47
CA ASN A 358 14.63 -14.15 -34.91
C ASN A 358 13.17 -14.10 -35.35
N LEU A 359 12.82 -15.01 -36.26
CA LEU A 359 11.46 -15.12 -36.79
C LEU A 359 10.96 -16.54 -36.52
N ALA A 360 9.86 -16.64 -35.77
CA ALA A 360 9.32 -17.96 -35.46
C ALA A 360 8.39 -18.42 -36.55
N VAL A 361 8.74 -19.55 -37.16
CA VAL A 361 7.91 -20.14 -38.21
C VAL A 361 7.21 -21.24 -37.45
N TYR A 362 5.89 -21.30 -37.52
CA TYR A 362 5.19 -22.33 -36.79
C TYR A 362 4.10 -23.00 -37.60
N ASP A 363 3.72 -24.20 -37.17
CA ASP A 363 2.67 -24.96 -37.84
C ASP A 363 1.35 -24.94 -37.08
N LYS A 364 1.43 -25.14 -35.76
CA LYS A 364 0.24 -25.16 -34.90
C LYS A 364 0.56 -24.68 -33.49
N VAL A 365 -0.43 -24.04 -32.87
CA VAL A 365 -0.28 -23.54 -31.52
C VAL A 365 -0.70 -24.65 -30.55
N GLU A 366 0.18 -24.93 -29.62
CA GLU A 366 -0.01 -25.98 -28.62
C GLU A 366 -0.47 -25.47 -27.24
N GLU A 367 0.22 -24.46 -26.75
CA GLU A 367 -0.05 -23.89 -25.42
C GLU A 367 -0.18 -22.37 -25.47
N VAL A 368 -1.06 -21.82 -24.64
CA VAL A 368 -1.28 -20.38 -24.59
C VAL A 368 -1.11 -19.84 -23.19
N LYS A 369 -0.37 -18.73 -23.06
CA LYS A 369 -0.13 -18.09 -21.77
C LYS A 369 -0.61 -16.64 -21.79
N VAL A 370 -1.39 -16.26 -20.78
CA VAL A 370 -1.88 -14.89 -20.67
C VAL A 370 -0.79 -14.06 -20.00
N VAL A 371 -0.46 -12.94 -20.61
CA VAL A 371 0.56 -12.03 -20.12
C VAL A 371 -0.06 -10.65 -19.88
N PRO A 372 0.07 -10.12 -18.64
CA PRO A 372 0.72 -10.76 -17.48
C PRO A 372 -0.14 -11.87 -16.86
N ALA A 373 0.51 -12.85 -16.25
CA ALA A 373 -0.20 -13.98 -15.61
C ALA A 373 -1.03 -13.50 -14.42
N PHE A 374 -0.49 -12.52 -13.70
CA PHE A 374 -1.16 -11.92 -12.54
C PHE A 374 -1.00 -10.40 -12.62
N SER A 375 -2.07 -9.68 -12.34
CA SER A 375 -2.04 -8.22 -12.39
C SER A 375 -3.10 -7.58 -11.50
N ILE A 376 -2.94 -6.28 -11.27
CA ILE A 376 -3.87 -5.54 -10.43
C ILE A 376 -4.55 -4.39 -11.19
N ALA A 377 -5.87 -4.43 -11.24
CA ALA A 377 -6.68 -3.39 -11.87
C ALA A 377 -7.27 -2.61 -10.69
N ARG A 378 -7.54 -1.33 -10.86
CA ARG A 378 -8.09 -0.56 -9.76
C ARG A 378 -9.26 0.32 -10.17
N ILE A 379 -10.27 0.39 -9.32
CA ILE A 379 -11.41 1.23 -9.59
C ILE A 379 -10.91 2.66 -9.49
N GLY A 380 -11.66 3.59 -10.07
CA GLY A 380 -11.26 4.98 -10.03
C GLY A 380 -12.33 5.87 -10.62
N GLU A 381 -11.99 7.15 -10.79
CA GLU A 381 -12.88 8.15 -11.33
C GLU A 381 -14.25 8.14 -10.64
N ASN A 382 -15.31 8.48 -11.36
CA ASN A 382 -16.66 8.53 -10.80
C ASN A 382 -16.73 9.67 -9.77
N GLY A 383 -15.87 10.67 -9.97
CA GLY A 383 -15.82 11.81 -9.08
C GLY A 383 -14.58 11.83 -8.20
N ALA A 384 -13.87 10.70 -8.17
CA ALA A 384 -12.66 10.57 -7.36
C ALA A 384 -11.45 11.30 -7.92
N SER A 385 -10.49 11.52 -7.02
CA SER A 385 -9.25 12.20 -7.32
C SER A 385 -8.23 11.28 -8.01
N VAL A 386 -8.62 10.03 -8.23
CA VAL A 386 -7.75 9.03 -8.84
C VAL A 386 -8.35 8.42 -10.12
N PRO A 387 -7.49 8.01 -11.08
CA PRO A 387 -7.97 7.41 -12.33
C PRO A 387 -8.12 5.89 -12.24
N LYS A 388 -8.87 5.31 -13.17
CA LYS A 388 -9.06 3.86 -13.22
C LYS A 388 -7.75 3.25 -13.71
N VAL A 389 -7.39 2.09 -13.16
CA VAL A 389 -6.18 1.38 -13.57
C VAL A 389 -6.67 0.14 -14.33
N GLN A 390 -6.43 0.15 -15.63
CA GLN A 390 -6.83 -0.94 -16.52
C GLN A 390 -5.98 -2.20 -16.42
N GLY A 391 -6.60 -3.31 -16.82
CA GLY A 391 -5.90 -4.57 -16.91
C GLY A 391 -5.63 -4.61 -18.41
N ARG A 392 -4.39 -4.87 -18.82
CA ARG A 392 -4.08 -4.95 -20.25
C ARG A 392 -3.40 -6.27 -20.50
N PHE A 393 -3.98 -7.07 -21.38
CA PHE A 393 -3.44 -8.39 -21.62
C PHE A 393 -3.06 -8.75 -23.03
N GLU A 394 -2.27 -9.80 -23.13
CA GLU A 394 -1.81 -10.32 -24.40
C GLU A 394 -1.81 -11.86 -24.28
N ALA A 395 -2.07 -12.55 -25.40
CA ALA A 395 -2.07 -14.01 -25.40
C ALA A 395 -0.80 -14.52 -26.05
N GLU A 396 0.08 -15.09 -25.25
CA GLU A 396 1.36 -15.62 -25.71
C GLU A 396 1.28 -17.07 -26.17
N ALA A 397 1.51 -17.28 -27.46
CA ALA A 397 1.44 -18.61 -28.08
C ALA A 397 2.74 -19.41 -28.03
N TRP A 398 2.60 -20.71 -27.81
CA TRP A 398 3.73 -21.64 -27.75
C TRP A 398 3.45 -22.89 -28.56
N GLY A 399 4.49 -23.40 -29.19
CA GLY A 399 4.37 -24.61 -29.99
C GLY A 399 5.64 -25.40 -29.83
N LYS A 400 5.96 -26.19 -30.84
CA LYS A 400 7.18 -26.98 -30.80
C LYS A 400 7.85 -26.90 -32.14
N ASP A 401 9.17 -26.81 -32.12
CA ASP A 401 9.91 -26.74 -33.37
C ASP A 401 10.18 -28.14 -33.95
N ALA A 402 10.90 -28.18 -35.08
CA ALA A 402 11.23 -29.43 -35.75
C ALA A 402 12.02 -30.39 -34.85
N ASN A 403 12.70 -29.84 -33.86
CA ASN A 403 13.47 -30.65 -32.91
C ASN A 403 12.69 -31.07 -31.67
N GLY A 404 11.37 -30.87 -31.68
CA GLY A 404 10.56 -31.25 -30.53
C GLY A 404 10.73 -30.39 -29.29
N GLN A 405 11.46 -29.29 -29.45
CA GLN A 405 11.70 -28.36 -28.35
C GLN A 405 10.65 -27.24 -28.38
N PRO A 406 10.30 -26.69 -27.20
CA PRO A 406 9.31 -25.61 -27.11
C PRO A 406 9.71 -24.40 -27.96
N LEU A 407 8.71 -23.79 -28.57
CA LEU A 407 8.90 -22.66 -29.46
C LEU A 407 7.94 -21.55 -29.06
N ARG A 408 8.47 -20.39 -28.68
CA ARG A 408 7.60 -19.27 -28.34
C ARG A 408 7.31 -18.58 -29.68
N ILE A 409 6.06 -18.67 -30.11
CA ILE A 409 5.63 -18.06 -31.36
C ILE A 409 5.60 -16.55 -31.23
N GLY A 410 4.82 -16.06 -30.26
CA GLY A 410 4.71 -14.63 -30.04
C GLY A 410 3.35 -14.30 -29.49
N TYR A 411 2.91 -13.06 -29.66
CA TYR A 411 1.61 -12.64 -29.16
C TYR A 411 0.59 -12.73 -30.29
N LEU A 412 -0.28 -13.74 -30.23
CA LEU A 412 -1.30 -13.95 -31.25
C LEU A 412 -2.66 -13.36 -30.89
N PRO A 413 -3.40 -12.86 -31.90
CA PRO A 413 -4.72 -12.27 -31.69
C PRO A 413 -5.68 -13.27 -31.04
N ALA A 414 -6.55 -12.77 -30.18
CA ALA A 414 -7.48 -13.64 -29.49
C ALA A 414 -8.73 -12.93 -29.01
N SER A 415 -9.68 -13.74 -28.56
CA SER A 415 -10.92 -13.27 -27.99
C SER A 415 -10.67 -13.23 -26.49
N TRP A 416 -11.25 -12.24 -25.81
CA TRP A 416 -11.05 -12.09 -24.39
C TRP A 416 -12.34 -12.06 -23.62
N LYS A 417 -12.33 -12.73 -22.47
CA LYS A 417 -13.47 -12.74 -21.59
C LYS A 417 -13.01 -12.86 -20.14
N VAL A 418 -13.95 -12.64 -19.24
CA VAL A 418 -13.71 -12.67 -17.81
C VAL A 418 -14.68 -13.66 -17.15
N GLU A 419 -14.17 -14.41 -16.18
CA GLU A 419 -14.98 -15.37 -15.45
C GLU A 419 -14.62 -15.29 -13.98
N PRO A 420 -15.58 -15.61 -13.09
CA PRO A 420 -15.34 -15.57 -11.64
C PRO A 420 -14.14 -16.45 -11.32
N PHE A 421 -13.23 -15.95 -10.49
CA PHE A 421 -12.06 -16.73 -10.15
C PHE A 421 -12.40 -17.84 -9.14
N ASN A 422 -13.34 -17.55 -8.24
CA ASN A 422 -13.73 -18.53 -7.25
C ASN A 422 -15.22 -18.50 -6.95
N GLU A 423 -15.67 -19.44 -6.11
CA GLU A 423 -17.08 -19.54 -5.75
C GLU A 423 -17.56 -18.22 -5.16
N ARG A 424 -16.68 -17.57 -4.42
CA ARG A 424 -17.00 -16.30 -3.78
C ARG A 424 -17.32 -15.23 -4.82
N ALA A 425 -16.57 -15.22 -5.93
CA ALA A 425 -16.78 -14.26 -7.01
C ALA A 425 -18.12 -14.48 -7.71
N VAL A 426 -18.53 -15.75 -7.80
CA VAL A 426 -19.81 -16.10 -8.43
C VAL A 426 -20.97 -15.57 -7.57
N GLU A 427 -20.87 -15.82 -6.27
CA GLU A 427 -21.89 -15.40 -5.30
C GLU A 427 -22.06 -13.86 -5.22
N ASP A 428 -20.94 -13.13 -5.29
CA ASP A 428 -20.98 -11.66 -5.21
C ASP A 428 -21.22 -10.97 -6.56
N GLU A 429 -21.33 -11.75 -7.63
CA GLU A 429 -21.57 -11.20 -8.96
C GLU A 429 -20.47 -10.22 -9.39
N ASP A 430 -19.22 -10.63 -9.19
CA ASP A 430 -18.07 -9.81 -9.55
C ASP A 430 -17.95 -9.47 -11.02
N VAL A 431 -18.23 -10.45 -11.88
CA VAL A 431 -18.15 -10.27 -13.33
C VAL A 431 -19.13 -9.21 -13.84
N LYS A 432 -20.16 -8.92 -13.05
CA LYS A 432 -21.16 -7.94 -13.43
C LYS A 432 -20.83 -6.52 -12.98
N PHE A 433 -20.14 -6.40 -11.86
CA PHE A 433 -19.80 -5.10 -11.30
C PHE A 433 -18.36 -4.65 -11.46
N ALA A 434 -17.43 -5.60 -11.51
CA ALA A 434 -16.00 -5.29 -11.59
C ALA A 434 -15.55 -4.41 -12.75
N GLY A 435 -16.27 -4.50 -13.87
CA GLY A 435 -15.92 -3.69 -15.02
C GLY A 435 -16.25 -4.41 -16.30
N LYS A 436 -15.63 -3.98 -17.41
CA LYS A 436 -15.88 -4.60 -18.70
C LYS A 436 -14.63 -4.95 -19.48
N MET A 437 -14.57 -6.22 -19.90
CA MET A 437 -13.47 -6.72 -20.70
C MET A 437 -13.83 -6.40 -22.15
N GLN A 438 -12.93 -5.69 -22.81
CA GLN A 438 -13.15 -5.33 -24.20
C GLN A 438 -12.50 -6.38 -25.10
N ALA A 439 -12.96 -6.43 -26.35
CA ALA A 439 -12.45 -7.37 -27.34
C ALA A 439 -10.93 -7.32 -27.52
N ASP A 440 -10.37 -6.12 -27.45
CA ASP A 440 -8.94 -5.91 -27.62
C ASP A 440 -8.03 -6.38 -26.47
N GLY A 441 -8.63 -6.88 -25.39
CA GLY A 441 -7.86 -7.37 -24.26
C GLY A 441 -7.60 -6.33 -23.18
N VAL A 442 -8.37 -5.24 -23.23
CA VAL A 442 -8.26 -4.17 -22.26
C VAL A 442 -9.46 -4.25 -21.33
N PHE A 443 -9.19 -4.41 -20.04
CA PHE A 443 -10.25 -4.47 -19.05
C PHE A 443 -10.39 -3.10 -18.37
N VAL A 444 -11.58 -2.52 -18.47
CA VAL A 444 -11.87 -1.20 -17.88
C VAL A 444 -12.68 -1.44 -16.61
N PRO A 445 -12.06 -1.24 -15.43
CA PRO A 445 -12.74 -1.43 -14.14
C PRO A 445 -13.88 -0.45 -13.89
N GLY A 446 -14.74 -0.80 -12.94
CA GLY A 446 -15.87 0.07 -12.63
C GLY A 446 -15.48 1.36 -11.93
N GLY A 447 -16.46 2.22 -11.70
CA GLY A 447 -16.24 3.48 -11.02
C GLY A 447 -16.00 3.29 -9.52
N ALA A 448 -15.28 4.23 -8.94
CA ALA A 448 -14.95 4.20 -7.52
C ALA A 448 -16.16 4.51 -6.62
N GLY A 449 -15.95 4.37 -5.32
CA GLY A 449 -17.00 4.61 -4.34
C GLY A 449 -17.82 3.40 -3.99
N PRO A 450 -18.65 3.49 -2.95
CA PRO A 450 -19.48 2.34 -2.56
C PRO A 450 -20.56 2.19 -3.63
N ASN A 451 -20.97 0.96 -3.90
CA ASN A 451 -22.00 0.74 -4.92
C ASN A 451 -23.26 0.17 -4.29
N PRO A 452 -24.30 1.02 -4.13
CA PRO A 452 -25.59 0.64 -3.54
C PRO A 452 -26.22 -0.65 -4.09
N GLU A 453 -25.97 -0.93 -5.38
CA GLU A 453 -26.48 -2.13 -6.05
C GLU A 453 -25.82 -3.43 -5.60
N ARG A 454 -24.67 -3.31 -4.94
CA ARG A 454 -23.94 -4.48 -4.47
C ARG A 454 -24.26 -4.86 -3.03
N LYS A 455 -23.87 -6.08 -2.65
CA LYS A 455 -24.04 -6.58 -1.29
C LYS A 455 -23.16 -5.72 -0.39
N MET A 456 -23.73 -5.22 0.71
CA MET A 456 -23.02 -4.37 1.66
C MET A 456 -22.56 -3.06 1.01
N MET A 457 -23.28 -2.65 -0.05
CA MET A 457 -23.01 -1.44 -0.84
C MET A 457 -21.52 -1.33 -1.17
N THR A 458 -20.90 -2.48 -1.39
CA THR A 458 -19.47 -2.54 -1.67
C THR A 458 -18.99 -1.96 -3.00
N ASN A 459 -17.67 -1.84 -3.13
CA ASN A 459 -17.06 -1.31 -4.34
C ASN A 459 -17.13 -2.29 -5.50
N ASN A 460 -16.86 -1.78 -6.69
CA ASN A 460 -16.87 -2.57 -7.90
C ASN A 460 -15.56 -3.32 -8.07
N ALA A 461 -15.16 -4.00 -6.99
CA ALA A 461 -13.95 -4.79 -6.94
C ALA A 461 -14.32 -6.22 -7.34
N GLY A 462 -13.32 -7.03 -7.69
CA GLY A 462 -13.57 -8.40 -8.08
C GLY A 462 -12.35 -9.28 -8.20
N ASN A 463 -12.57 -10.59 -8.08
CA ASN A 463 -11.52 -11.59 -8.21
C ASN A 463 -11.86 -12.29 -9.53
N LEU A 464 -11.14 -11.92 -10.58
CA LEU A 464 -11.39 -12.43 -11.91
C LEU A 464 -10.37 -13.35 -12.59
N LYS A 465 -10.89 -14.16 -13.50
CA LYS A 465 -10.11 -15.10 -14.28
C LYS A 465 -10.16 -14.55 -15.69
N VAL A 466 -8.99 -14.23 -16.24
CA VAL A 466 -8.89 -13.67 -17.58
C VAL A 466 -8.68 -14.78 -18.61
N ILE A 467 -9.68 -15.00 -19.46
CA ILE A 467 -9.61 -16.04 -20.50
C ILE A 467 -9.36 -15.50 -21.90
N ALA A 468 -8.30 -15.99 -22.52
CA ALA A 468 -7.96 -15.63 -23.89
C ALA A 468 -8.15 -16.87 -24.74
N THR A 469 -8.79 -16.72 -25.89
CA THR A 469 -9.02 -17.85 -26.77
C THR A 469 -8.48 -17.46 -28.14
N LEU A 470 -7.42 -18.16 -28.56
CA LEU A 470 -6.78 -17.89 -29.83
C LEU A 470 -7.69 -17.92 -31.05
N ALA A 471 -7.55 -16.90 -31.88
CA ALA A 471 -8.32 -16.80 -33.12
C ALA A 471 -7.82 -17.92 -34.02
N ASP A 472 -6.54 -18.22 -33.89
CA ASP A 472 -5.88 -19.26 -34.68
C ASP A 472 -5.99 -20.64 -33.99
N GLY A 473 -7.13 -21.32 -34.21
CA GLY A 473 -7.29 -22.64 -33.62
C GLY A 473 -8.11 -22.77 -32.35
N GLY A 474 -8.46 -21.63 -31.74
CA GLY A 474 -9.26 -21.66 -30.52
C GLY A 474 -8.60 -22.20 -29.26
N GLN A 475 -7.28 -22.21 -29.20
CA GLN A 475 -6.55 -22.68 -28.01
C GLN A 475 -6.71 -21.63 -26.92
N THR A 476 -7.05 -22.08 -25.71
CA THR A 476 -7.27 -21.16 -24.60
C THR A 476 -6.09 -20.96 -23.64
N GLY A 477 -6.10 -19.79 -23.00
CA GLY A 477 -5.09 -19.41 -22.03
C GLY A 477 -5.80 -18.75 -20.86
N GLU A 478 -5.22 -18.88 -19.67
CA GLU A 478 -5.83 -18.32 -18.47
C GLU A 478 -4.93 -17.42 -17.63
N GLY A 479 -5.49 -16.32 -17.16
CA GLY A 479 -4.76 -15.38 -16.34
C GLY A 479 -5.57 -15.05 -15.10
N HIS A 480 -4.95 -14.34 -14.16
CA HIS A 480 -5.61 -13.96 -12.92
C HIS A 480 -5.50 -12.46 -12.71
N MET A 481 -6.65 -11.83 -12.56
CA MET A 481 -6.70 -10.39 -12.33
C MET A 481 -7.59 -10.05 -11.13
N ILE A 482 -7.12 -9.13 -10.31
CA ILE A 482 -7.87 -8.67 -9.15
C ILE A 482 -8.13 -7.18 -9.36
N VAL A 483 -9.39 -6.78 -9.30
CA VAL A 483 -9.77 -5.38 -9.44
C VAL A 483 -9.99 -4.89 -8.03
N THR A 484 -9.15 -3.97 -7.59
CA THR A 484 -9.27 -3.40 -6.24
C THR A 484 -9.46 -1.91 -6.10
N VAL A 485 -9.28 -1.46 -4.87
CA VAL A 485 -9.43 -0.08 -4.45
C VAL A 485 -8.25 0.81 -4.82
N GLN A 486 -8.50 2.11 -4.74
CA GLN A 486 -7.50 3.13 -5.07
C GLN A 486 -6.48 3.30 -3.95
N ARG A 487 -5.46 4.11 -4.27
CA ARG A 487 -4.41 4.48 -3.33
C ARG A 487 -4.18 5.95 -3.68
N TRP A 488 -4.14 6.80 -2.65
CA TRP A 488 -3.97 8.24 -2.84
C TRP A 488 -2.53 8.73 -2.70
N ASN A 489 -1.69 7.94 -2.05
CA ASN A 489 -0.29 8.30 -1.91
C ASN A 489 0.43 7.57 -3.04
N ASN A 490 0.82 8.32 -4.07
CA ASN A 490 1.47 7.73 -5.23
C ASN A 490 2.72 8.50 -5.66
N PRO A 491 3.83 8.29 -4.94
CA PRO A 491 5.10 8.93 -5.23
C PRO A 491 5.68 8.39 -6.55
N PRO A 492 6.74 9.03 -7.09
CA PRO A 492 7.44 8.66 -8.33
C PRO A 492 7.93 7.22 -8.37
N LEU A 493 8.30 6.71 -7.19
CA LEU A 493 8.76 5.34 -7.05
C LEU A 493 7.78 4.57 -6.16
N PRO A 494 7.36 3.37 -6.62
CA PRO A 494 6.42 2.53 -5.85
C PRO A 494 7.05 1.93 -4.60
N GLY B 4 -25.00 19.89 28.46
CA GLY B 4 -26.47 20.06 28.18
C GLY B 4 -27.30 19.32 29.21
N PRO B 5 -28.15 18.34 28.81
CA PRO B 5 -28.96 17.61 29.79
C PRO B 5 -28.08 16.66 30.62
N ALA B 6 -28.22 16.71 31.93
CA ALA B 6 -27.45 15.83 32.79
C ALA B 6 -28.03 14.44 32.68
N LEU B 7 -27.17 13.43 32.82
CA LEU B 7 -27.61 12.04 32.72
C LEU B 7 -28.42 11.61 33.95
N LYS B 8 -29.45 10.80 33.72
CA LYS B 8 -30.31 10.32 34.79
C LYS B 8 -29.74 9.09 35.50
N ALA B 9 -29.86 9.07 36.82
CA ALA B 9 -29.38 7.96 37.63
C ALA B 9 -30.18 6.68 37.37
N GLY B 10 -29.51 5.54 37.41
CA GLY B 10 -30.17 4.28 37.17
C GLY B 10 -30.36 3.97 35.69
N HIS B 11 -30.28 5.00 34.85
CA HIS B 11 -30.44 4.84 33.40
C HIS B 11 -29.17 4.34 32.75
N GLU B 12 -29.35 3.48 31.76
CA GLU B 12 -28.23 2.91 31.01
C GLU B 12 -27.85 3.84 29.85
N TYR B 13 -26.56 3.99 29.63
CA TYR B 13 -26.07 4.86 28.56
C TYR B 13 -24.90 4.24 27.83
N MET B 14 -24.60 4.79 26.66
CA MET B 14 -23.50 4.32 25.84
C MET B 14 -22.79 5.50 25.21
N ILE B 15 -21.46 5.52 25.31
CA ILE B 15 -20.72 6.58 24.69
C ILE B 15 -19.98 6.07 23.47
N VAL B 16 -19.94 6.92 22.44
CA VAL B 16 -19.26 6.62 21.19
C VAL B 16 -18.70 7.92 20.65
N THR B 17 -17.49 7.86 20.11
CA THR B 17 -16.91 9.06 19.53
C THR B 17 -17.09 8.99 18.01
N ASN B 18 -17.35 10.16 17.44
CA ASN B 18 -17.67 10.36 16.04
C ASN B 18 -16.58 11.22 15.44
N TYR B 19 -16.40 11.15 14.12
CA TYR B 19 -15.31 11.88 13.49
C TYR B 19 -14.97 13.34 13.66
N PRO B 20 -15.87 14.29 13.30
CA PRO B 20 -15.51 15.72 13.47
C PRO B 20 -14.67 15.81 14.75
N ASN B 21 -15.32 15.53 15.88
CA ASN B 21 -14.72 15.46 17.20
C ASN B 21 -15.81 15.47 18.24
N ASN B 22 -16.78 14.58 18.07
CA ASN B 22 -17.91 14.49 18.99
C ASN B 22 -17.85 13.27 19.88
N LEU B 23 -18.54 13.38 21.01
CA LEU B 23 -18.68 12.29 21.95
C LEU B 23 -20.18 12.33 22.14
N HIS B 24 -20.86 11.25 21.77
CA HIS B 24 -22.29 11.19 21.88
C HIS B 24 -22.72 10.25 22.99
N VAL B 25 -23.80 10.62 23.66
CA VAL B 25 -24.35 9.80 24.72
C VAL B 25 -25.62 9.19 24.14
N VAL B 26 -25.67 7.87 24.11
CA VAL B 26 -26.82 7.16 23.59
C VAL B 26 -27.64 6.61 24.74
N ASP B 27 -28.92 6.96 24.75
CA ASP B 27 -29.81 6.46 25.77
C ASP B 27 -30.17 5.06 25.28
N VAL B 28 -29.64 4.05 25.95
CA VAL B 28 -29.86 2.66 25.60
C VAL B 28 -31.33 2.20 25.61
N ALA B 29 -32.15 2.81 26.46
CA ALA B 29 -33.55 2.42 26.56
C ALA B 29 -34.37 2.72 25.31
N SER B 30 -34.22 3.94 24.80
CA SER B 30 -34.94 4.39 23.62
C SER B 30 -34.15 4.29 22.32
N ASP B 31 -32.88 3.91 22.42
CA ASP B 31 -32.01 3.79 21.26
C ASP B 31 -31.94 5.08 20.48
N THR B 32 -31.84 6.19 21.22
CA THR B 32 -31.76 7.50 20.59
C THR B 32 -30.60 8.29 21.23
N VAL B 33 -30.10 9.28 20.50
CA VAL B 33 -29.01 10.12 21.00
C VAL B 33 -29.53 11.02 22.11
N TYR B 34 -29.01 10.82 23.32
CA TYR B 34 -29.40 11.60 24.48
C TYR B 34 -28.82 13.00 24.42
N LYS B 35 -27.51 13.09 24.14
CA LYS B 35 -26.81 14.36 24.03
C LYS B 35 -25.48 14.18 23.29
N SER B 36 -24.92 15.30 22.85
CA SER B 36 -23.65 15.29 22.13
C SER B 36 -22.73 16.34 22.74
N CYS B 37 -21.45 16.00 22.82
CA CYS B 37 -20.45 16.90 23.36
C CYS B 37 -19.39 17.10 22.31
N VAL B 38 -19.00 18.35 22.07
CA VAL B 38 -17.94 18.61 21.13
C VAL B 38 -16.64 18.49 21.95
N MET B 39 -15.69 17.75 21.42
CA MET B 39 -14.42 17.55 22.09
C MET B 39 -13.34 18.53 21.65
N PRO B 40 -12.41 18.82 22.56
CA PRO B 40 -11.31 19.75 22.28
C PRO B 40 -10.26 19.18 21.34
N ASP B 41 -9.59 20.10 20.65
CA ASP B 41 -8.53 19.77 19.71
C ASP B 41 -8.98 18.92 18.51
N LYS B 42 -8.22 17.89 18.16
CA LYS B 42 -8.56 17.06 17.01
C LYS B 42 -8.86 15.61 17.40
N PHE B 43 -9.61 14.93 16.53
CA PHE B 43 -10.02 13.53 16.73
C PHE B 43 -8.92 12.55 16.31
N GLY B 44 -8.89 11.39 16.96
CA GLY B 44 -7.91 10.38 16.64
C GLY B 44 -7.12 9.91 17.84
N PRO B 45 -7.36 8.68 18.33
CA PRO B 45 -8.33 7.70 17.81
C PRO B 45 -9.75 7.91 18.33
N GLY B 46 -9.87 8.71 19.39
CA GLY B 46 -11.16 8.97 19.98
C GLY B 46 -11.59 7.85 20.90
N THR B 47 -10.65 6.97 21.25
CA THR B 47 -10.93 5.85 22.13
C THR B 47 -11.28 6.33 23.54
N ALA B 48 -12.46 5.94 24.02
CA ALA B 48 -12.92 6.35 25.35
C ALA B 48 -13.22 5.22 26.33
N MET B 49 -13.11 5.55 27.61
CA MET B 49 -13.40 4.64 28.71
C MET B 49 -13.99 5.45 29.85
N MET B 50 -15.05 4.93 30.47
CA MET B 50 -15.72 5.58 31.57
C MET B 50 -14.96 5.43 32.89
N ALA B 51 -14.89 6.50 33.66
CA ALA B 51 -14.21 6.48 34.95
C ALA B 51 -15.16 5.83 35.95
N PRO B 52 -14.64 5.34 37.09
CA PRO B 52 -15.46 4.70 38.12
C PRO B 52 -16.62 5.56 38.65
N ASP B 53 -16.63 6.86 38.33
CA ASP B 53 -17.68 7.74 38.79
C ASP B 53 -18.93 7.70 37.90
N ASN B 54 -18.87 6.92 36.81
CA ASN B 54 -19.99 6.77 35.87
C ASN B 54 -20.42 8.12 35.36
N ARG B 55 -19.47 9.06 35.34
CA ARG B 55 -19.77 10.43 34.94
C ARG B 55 -18.67 11.06 34.07
N THR B 56 -17.44 10.61 34.24
CA THR B 56 -16.32 11.16 33.49
C THR B 56 -15.75 10.18 32.47
N ALA B 57 -15.71 10.60 31.21
CA ALA B 57 -15.16 9.79 30.14
C ALA B 57 -13.74 10.26 29.85
N TYR B 58 -12.80 9.33 29.81
CA TYR B 58 -11.41 9.68 29.48
C TYR B 58 -11.17 9.22 28.05
N VAL B 59 -10.70 10.15 27.21
CA VAL B 59 -10.47 9.91 25.79
C VAL B 59 -9.07 10.17 25.24
N LEU B 60 -8.53 9.18 24.53
CA LEU B 60 -7.21 9.30 23.90
C LEU B 60 -7.58 9.96 22.57
N ASN B 61 -7.14 11.20 22.39
CA ASN B 61 -7.46 11.95 21.19
C ASN B 61 -6.28 12.76 20.69
N ASN B 62 -6.56 13.69 19.80
CA ASN B 62 -5.56 14.58 19.22
C ASN B 62 -4.39 13.84 18.58
N HIS B 63 -4.74 12.86 17.75
CA HIS B 63 -3.76 12.05 17.03
C HIS B 63 -2.84 11.23 17.93
N TYR B 64 -3.44 10.51 18.87
CA TYR B 64 -2.73 9.63 19.80
C TYR B 64 -1.69 10.33 20.66
N GLY B 65 -1.87 11.62 20.93
CA GLY B 65 -0.89 12.34 21.71
C GLY B 65 -1.37 13.04 22.97
N ASP B 66 -2.65 12.88 23.32
CA ASP B 66 -3.22 13.51 24.50
C ASP B 66 -4.36 12.69 25.09
N ILE B 67 -4.68 12.95 26.36
CA ILE B 67 -5.78 12.28 27.05
C ILE B 67 -6.65 13.36 27.70
N TYR B 68 -7.95 13.34 27.41
CA TYR B 68 -8.89 14.33 27.94
C TYR B 68 -9.96 13.69 28.82
N GLY B 69 -10.40 14.45 29.81
CA GLY B 69 -11.44 13.96 30.69
C GLY B 69 -12.62 14.88 30.42
N ILE B 70 -13.75 14.31 30.05
CA ILE B 70 -14.94 15.10 29.77
C ILE B 70 -16.07 14.67 30.71
N ASP B 71 -16.68 15.64 31.38
CA ASP B 71 -17.80 15.36 32.27
C ASP B 71 -19.04 15.30 31.38
N LEU B 72 -19.62 14.10 31.26
CA LEU B 72 -20.81 13.89 30.43
C LEU B 72 -22.06 14.71 30.78
N ASP B 73 -22.25 15.01 32.06
CA ASP B 73 -23.40 15.79 32.50
C ASP B 73 -23.41 17.22 32.00
N THR B 74 -22.22 17.76 31.73
CA THR B 74 -22.11 19.13 31.29
C THR B 74 -21.26 19.32 30.03
N CYS B 75 -20.61 18.24 29.60
CA CYS B 75 -19.71 18.27 28.45
C CYS B 75 -18.45 19.07 28.73
N LYS B 76 -18.11 19.24 30.01
CA LYS B 76 -16.92 20.02 30.38
C LYS B 76 -15.61 19.24 30.38
N ASN B 77 -14.58 19.86 29.79
CA ASN B 77 -13.24 19.28 29.73
C ASN B 77 -12.59 19.53 31.10
N THR B 78 -12.62 18.52 31.95
CA THR B 78 -12.10 18.59 33.31
C THR B 78 -10.67 18.11 33.50
N PHE B 79 -10.13 17.40 32.52
CA PHE B 79 -8.77 16.88 32.63
C PHE B 79 -8.11 16.85 31.28
N HIS B 80 -6.81 17.10 31.29
CA HIS B 80 -6.04 17.07 30.07
C HIS B 80 -4.59 16.78 30.38
N ALA B 81 -4.08 15.72 29.75
CA ALA B 81 -2.70 15.31 29.92
C ALA B 81 -2.07 15.18 28.54
N ASN B 82 -0.98 15.91 28.33
CA ASN B 82 -0.27 15.83 27.07
C ASN B 82 0.81 14.79 27.28
N LEU B 83 1.00 13.94 26.28
CA LEU B 83 1.98 12.86 26.35
C LEU B 83 3.39 13.23 25.88
N SER B 84 3.64 14.51 25.67
CA SER B 84 4.95 14.98 25.23
C SER B 84 5.55 15.97 26.21
N SER B 85 5.73 15.55 27.45
CA SER B 85 6.27 16.43 28.49
C SER B 85 7.80 16.47 28.53
N VAL B 86 8.45 15.48 27.91
CA VAL B 86 9.92 15.46 27.88
C VAL B 86 10.38 16.35 26.73
N PRO B 87 11.28 17.32 27.01
CA PRO B 87 11.82 18.27 26.03
C PRO B 87 12.41 17.61 24.79
N GLY B 88 12.03 18.11 23.61
CA GLY B 88 12.55 17.59 22.35
C GLY B 88 12.05 16.23 21.89
N GLU B 89 10.99 15.73 22.51
CA GLU B 89 10.43 14.43 22.16
C GLU B 89 8.94 14.52 21.88
N VAL B 90 8.47 13.71 20.94
CA VAL B 90 7.07 13.63 20.59
C VAL B 90 6.57 12.28 21.09
N GLY B 91 5.57 12.29 21.95
CA GLY B 91 5.03 11.07 22.51
C GLY B 91 3.70 10.63 21.97
N ARG B 92 3.61 9.35 21.60
CA ARG B 92 2.39 8.77 21.07
C ARG B 92 1.96 7.55 21.87
N SER B 93 0.66 7.36 22.01
CA SER B 93 0.13 6.23 22.74
C SER B 93 -0.68 5.32 21.79
N MET B 94 -0.22 4.09 21.60
CA MET B 94 -0.91 3.14 20.73
C MET B 94 -2.07 2.50 21.47
N TYR B 95 -3.12 3.29 21.70
CA TYR B 95 -4.32 2.85 22.42
C TYR B 95 -3.98 2.39 23.84
N SER B 96 -2.86 2.87 24.39
CA SER B 96 -2.39 2.47 25.70
C SER B 96 -2.63 3.45 26.84
N PHE B 97 -3.78 3.32 27.49
CA PHE B 97 -4.17 4.17 28.62
C PHE B 97 -5.15 3.39 29.52
N ALA B 98 -5.19 3.71 30.80
CA ALA B 98 -6.09 3.03 31.73
C ALA B 98 -6.41 3.93 32.93
N ILE B 99 -7.56 3.71 33.54
CA ILE B 99 -7.99 4.50 34.68
C ILE B 99 -7.91 3.66 35.96
N SER B 100 -7.40 4.26 37.03
CA SER B 100 -7.27 3.60 38.32
C SER B 100 -8.67 3.25 38.84
N PRO B 101 -8.79 2.19 39.65
CA PRO B 101 -10.08 1.75 40.20
C PRO B 101 -10.80 2.83 40.99
N ASP B 102 -10.04 3.72 41.63
CA ASP B 102 -10.63 4.81 42.40
C ASP B 102 -10.77 6.08 41.56
N GLY B 103 -10.28 6.03 40.33
CA GLY B 103 -10.35 7.17 39.41
C GLY B 103 -9.46 8.36 39.73
N LYS B 104 -8.41 8.12 40.52
CA LYS B 104 -7.49 9.19 40.91
C LYS B 104 -6.25 9.33 40.03
N GLU B 105 -5.94 8.30 39.26
CA GLU B 105 -4.78 8.37 38.36
C GLU B 105 -5.13 7.80 37.00
N VAL B 106 -4.38 8.23 36.00
CA VAL B 106 -4.54 7.77 34.64
C VAL B 106 -3.14 7.35 34.20
N TYR B 107 -3.05 6.16 33.61
CA TYR B 107 -1.79 5.62 33.15
C TYR B 107 -1.78 5.63 31.62
N ALA B 108 -0.60 5.81 31.04
CA ALA B 108 -0.48 5.82 29.59
C ALA B 108 0.94 5.44 29.22
N THR B 109 1.10 4.46 28.33
CA THR B 109 2.46 4.16 27.93
C THR B 109 2.74 5.01 26.70
N VAL B 110 3.87 5.71 26.75
CA VAL B 110 4.31 6.61 25.70
C VAL B 110 5.50 6.09 24.93
N ASN B 111 5.32 6.00 23.61
CA ASN B 111 6.38 5.59 22.68
C ASN B 111 6.86 6.95 22.16
N PRO B 112 7.97 7.48 22.73
CA PRO B 112 8.47 8.77 22.28
C PRO B 112 9.52 8.74 21.18
N THR B 113 9.56 9.83 20.43
CA THR B 113 10.55 9.97 19.36
C THR B 113 11.19 11.34 19.50
N GLN B 114 12.51 11.33 19.60
CA GLN B 114 13.25 12.57 19.70
C GLN B 114 13.39 13.10 18.27
N ARG B 115 12.79 14.26 18.00
CA ARG B 115 12.88 14.85 16.68
C ARG B 115 13.88 15.99 16.65
N LEU B 116 15.02 15.74 16.01
CA LEU B 116 16.08 16.74 15.90
C LEU B 116 16.02 17.42 14.52
N ASN B 117 16.91 18.37 14.31
CA ASN B 117 16.96 19.13 13.06
C ASN B 117 17.06 18.33 11.77
N ASP B 118 17.88 17.29 11.76
CA ASP B 118 18.09 16.49 10.55
C ASP B 118 17.91 14.97 10.68
N HIS B 119 17.33 14.51 11.79
CA HIS B 119 17.10 13.08 11.99
C HIS B 119 16.21 12.80 13.20
N TYR B 120 15.68 11.58 13.27
CA TYR B 120 14.85 11.15 14.38
C TYR B 120 15.59 10.08 15.15
N VAL B 121 15.23 9.94 16.41
CA VAL B 121 15.83 8.93 17.27
C VAL B 121 14.68 8.38 18.08
N VAL B 122 14.37 7.11 17.87
CA VAL B 122 13.30 6.47 18.61
C VAL B 122 13.85 6.13 19.99
N LYS B 123 13.09 6.48 21.02
CA LYS B 123 13.52 6.24 22.39
C LYS B 123 12.71 5.11 22.99
N PRO B 124 13.18 4.54 24.10
CA PRO B 124 12.47 3.44 24.77
C PRO B 124 11.12 3.94 25.31
N PRO B 125 10.11 3.07 25.34
CA PRO B 125 8.80 3.51 25.85
C PRO B 125 8.81 3.71 27.38
N ARG B 126 7.77 4.36 27.89
CA ARG B 126 7.65 4.62 29.33
C ARG B 126 6.20 4.79 29.73
N LEU B 127 5.87 4.36 30.94
CA LEU B 127 4.51 4.52 31.46
C LEU B 127 4.56 5.84 32.23
N GLU B 128 3.56 6.69 32.02
CA GLU B 128 3.47 7.97 32.72
C GLU B 128 2.16 7.96 33.49
N VAL B 129 2.24 8.31 34.77
CA VAL B 129 1.08 8.36 35.64
C VAL B 129 0.68 9.81 35.82
N PHE B 130 -0.60 10.09 35.70
CA PHE B 130 -1.10 11.45 35.87
C PHE B 130 -2.17 11.41 36.95
N SER B 131 -2.20 12.46 37.74
CA SER B 131 -3.21 12.56 38.77
C SER B 131 -4.37 13.29 38.11
N THR B 132 -5.56 12.73 38.22
CA THR B 132 -6.74 13.34 37.59
C THR B 132 -7.12 14.68 38.23
N ALA B 133 -6.62 14.92 39.44
CA ALA B 133 -6.88 16.15 40.16
C ALA B 133 -6.11 17.34 39.61
N ASP B 134 -5.08 17.06 38.81
CA ASP B 134 -4.24 18.10 38.21
C ASP B 134 -4.85 18.97 37.11
N GLY B 135 -6.09 18.67 36.74
CA GLY B 135 -6.78 19.46 35.72
C GLY B 135 -6.29 19.47 34.28
N LEU B 136 -6.40 20.64 33.66
CA LEU B 136 -6.03 20.82 32.26
C LEU B 136 -4.57 21.01 31.94
N GLU B 137 -3.69 20.87 32.92
CA GLU B 137 -2.25 21.02 32.68
C GLU B 137 -1.47 19.90 33.38
N ALA B 138 -2.10 18.74 33.50
CA ALA B 138 -1.51 17.58 34.16
C ALA B 138 -0.18 17.11 33.57
N LYS B 139 0.75 16.79 34.46
CA LYS B 139 2.07 16.34 34.07
C LYS B 139 2.43 15.07 34.84
N PRO B 140 3.40 14.28 34.33
CA PRO B 140 3.81 13.04 34.99
C PRO B 140 4.15 13.18 36.47
N VAL B 141 3.49 12.37 37.31
CA VAL B 141 3.76 12.38 38.73
C VAL B 141 4.64 11.17 39.06
N ARG B 142 4.80 10.28 38.08
CA ARG B 142 5.59 9.08 38.23
C ARG B 142 5.77 8.49 36.84
N THR B 143 6.95 7.97 36.54
CA THR B 143 7.19 7.35 35.24
C THR B 143 8.13 6.15 35.37
N PHE B 144 7.82 5.10 34.63
CA PHE B 144 8.60 3.88 34.67
C PHE B 144 8.92 3.42 33.27
N PRO B 145 9.92 2.54 33.12
CA PRO B 145 10.30 2.01 31.81
C PRO B 145 9.30 0.94 31.36
N MET B 146 9.01 0.91 30.07
CA MET B 146 8.07 -0.06 29.52
C MET B 146 8.66 -0.80 28.33
N PRO B 147 8.23 -2.04 28.11
CA PRO B 147 8.77 -2.78 26.96
C PRO B 147 8.11 -2.25 25.69
N ARG B 148 8.68 -2.57 24.53
CA ARG B 148 8.13 -2.14 23.25
C ARG B 148 6.89 -2.93 22.88
N GLN B 149 6.16 -2.42 21.89
CA GLN B 149 4.96 -3.02 21.35
C GLN B 149 3.81 -3.21 22.34
N VAL B 150 3.69 -2.28 23.27
CA VAL B 150 2.64 -2.31 24.27
C VAL B 150 1.45 -1.52 23.73
N TYR B 151 0.24 -2.08 23.88
CA TYR B 151 -0.98 -1.42 23.44
C TYR B 151 -2.00 -1.38 24.58
N LEU B 152 -3.15 -2.05 24.45
CA LEU B 152 -4.18 -2.04 25.50
C LEU B 152 -3.75 -2.34 26.94
N MET B 153 -4.36 -1.61 27.89
CA MET B 153 -4.09 -1.75 29.31
C MET B 153 -5.40 -1.58 30.08
N ARG B 154 -5.56 -2.33 31.17
CA ARG B 154 -6.75 -2.23 32.01
C ARG B 154 -6.33 -2.39 33.46
N ALA B 155 -6.82 -1.51 34.31
CA ALA B 155 -6.48 -1.57 35.73
C ALA B 155 -7.45 -2.49 36.45
N ALA B 156 -6.91 -3.53 37.08
CA ALA B 156 -7.71 -4.47 37.84
C ALA B 156 -8.18 -3.79 39.13
N ASP B 157 -9.16 -4.41 39.80
CA ASP B 157 -9.73 -3.94 41.05
C ASP B 157 -8.74 -3.69 42.18
N ASP B 158 -7.72 -4.54 42.26
CA ASP B 158 -6.71 -4.42 43.29
C ASP B 158 -5.60 -3.43 42.91
N GLY B 159 -5.90 -2.53 41.99
CA GLY B 159 -4.92 -1.55 41.56
C GLY B 159 -3.85 -2.01 40.58
N SER B 160 -3.75 -3.31 40.32
CA SER B 160 -2.77 -3.86 39.37
C SER B 160 -3.10 -3.46 37.93
N LEU B 161 -2.07 -3.32 37.11
CA LEU B 161 -2.27 -2.92 35.72
C LEU B 161 -1.90 -4.04 34.77
N TYR B 162 -2.91 -4.53 34.04
CA TYR B 162 -2.68 -5.58 33.05
C TYR B 162 -2.34 -4.90 31.75
N VAL B 163 -1.13 -5.19 31.28
CA VAL B 163 -0.57 -4.59 30.07
C VAL B 163 -0.42 -5.56 28.92
N ALA B 164 -1.07 -5.25 27.80
CA ALA B 164 -0.98 -6.07 26.60
C ALA B 164 0.25 -5.63 25.80
N GLY B 165 1.20 -6.55 25.65
CA GLY B 165 2.41 -6.28 24.89
C GLY B 165 2.78 -7.60 24.23
N PRO B 166 4.06 -7.88 23.98
CA PRO B 166 4.43 -9.16 23.35
C PRO B 166 3.78 -10.28 24.17
N ASP B 167 3.72 -10.06 25.48
CA ASP B 167 3.07 -10.95 26.44
C ASP B 167 2.17 -10.02 27.27
N ILE B 168 1.21 -10.60 27.99
CA ILE B 168 0.35 -9.80 28.84
C ILE B 168 1.10 -9.73 30.17
N TYR B 169 1.27 -8.51 30.68
CA TYR B 169 1.98 -8.29 31.93
C TYR B 169 1.06 -7.81 33.03
N LYS B 170 1.49 -8.04 34.26
CA LYS B 170 0.76 -7.62 35.45
C LYS B 170 1.74 -6.64 36.06
N MET B 171 1.35 -5.38 36.13
CA MET B 171 2.26 -4.36 36.63
C MET B 171 1.83 -3.60 37.88
N ASP B 172 2.81 -3.39 38.76
CA ASP B 172 2.62 -2.65 39.99
C ASP B 172 2.86 -1.19 39.61
N VAL B 173 1.83 -0.35 39.74
CA VAL B 173 1.94 1.06 39.38
C VAL B 173 2.73 1.93 40.36
N LYS B 174 3.14 1.36 41.49
CA LYS B 174 3.92 2.09 42.50
C LYS B 174 5.41 1.86 42.31
N THR B 175 5.79 0.60 42.05
CA THR B 175 7.18 0.22 41.85
C THR B 175 7.54 0.10 40.37
N GLY B 176 6.52 -0.11 39.55
CA GLY B 176 6.74 -0.26 38.12
C GLY B 176 7.24 -1.64 37.75
N LYS B 177 7.39 -2.53 38.73
CA LYS B 177 7.86 -3.88 38.42
C LYS B 177 6.69 -4.65 37.87
N TYR B 178 6.96 -5.52 36.90
CA TYR B 178 5.93 -6.32 36.26
C TYR B 178 6.42 -7.73 36.00
N THR B 179 5.48 -8.64 35.79
CA THR B 179 5.76 -10.03 35.49
C THR B 179 4.82 -10.43 34.37
N VAL B 180 5.06 -11.57 33.74
CA VAL B 180 4.18 -12.04 32.66
C VAL B 180 2.95 -12.68 33.27
N ALA B 181 1.79 -12.10 33.01
CA ALA B 181 0.53 -12.62 33.52
C ALA B 181 -0.03 -13.70 32.59
N LEU B 182 0.27 -13.55 31.30
CA LEU B 182 -0.22 -14.48 30.31
C LEU B 182 0.70 -14.42 29.09
N PRO B 183 1.48 -15.47 28.87
CA PRO B 183 2.41 -15.52 27.73
C PRO B 183 1.72 -15.69 26.38
N LEU B 184 2.04 -14.80 25.46
CA LEU B 184 1.49 -14.84 24.11
C LEU B 184 2.65 -15.18 23.18
N ARG B 185 3.53 -14.21 22.96
CA ARG B 185 4.68 -14.45 22.11
C ARG B 185 5.55 -15.56 22.68
N ASN B 186 5.73 -15.58 23.99
CA ASN B 186 6.53 -16.61 24.62
C ASN B 186 5.70 -17.76 25.17
N TRP B 187 4.53 -17.96 24.58
CA TRP B 187 3.64 -19.06 24.94
C TRP B 187 4.22 -20.23 24.15
N ASN B 188 5.11 -20.99 24.77
CA ASN B 188 5.73 -22.12 24.08
C ASN B 188 4.82 -23.34 24.11
N ARG B 189 3.70 -23.21 23.40
CA ARG B 189 2.68 -24.24 23.32
C ARG B 189 3.01 -25.18 22.13
N LYS B 190 3.42 -26.41 22.44
CA LYS B 190 3.77 -27.36 21.38
C LYS B 190 2.59 -27.77 20.49
N GLY B 191 2.86 -27.88 19.19
CA GLY B 191 1.82 -28.25 18.25
C GLY B 191 1.08 -27.04 17.73
N TYR B 192 1.40 -25.87 18.29
CA TYR B 192 0.77 -24.62 17.89
C TYR B 192 1.84 -23.58 17.61
N SER B 193 1.45 -22.55 16.87
CA SER B 193 2.37 -21.46 16.59
C SER B 193 2.11 -20.44 17.69
N ALA B 194 2.80 -19.31 17.62
CA ALA B 194 2.58 -18.25 18.58
C ALA B 194 1.29 -17.57 18.13
N PRO B 195 0.47 -17.06 19.08
CA PRO B 195 -0.78 -16.40 18.69
C PRO B 195 -0.54 -15.03 18.04
N ASP B 196 -1.55 -14.53 17.33
CA ASP B 196 -1.48 -13.22 16.71
C ASP B 196 -2.60 -12.40 17.32
N VAL B 197 -2.26 -11.24 17.84
CA VAL B 197 -3.26 -10.38 18.48
C VAL B 197 -3.19 -8.96 17.93
N LEU B 198 -4.34 -8.50 17.47
CA LEU B 198 -4.52 -7.16 16.92
C LEU B 198 -5.83 -6.69 17.58
N TYR B 199 -5.71 -5.81 18.57
CA TYR B 199 -6.88 -5.33 19.29
C TYR B 199 -6.72 -3.91 19.79
N PHE B 200 -7.62 -3.03 19.34
CA PHE B 200 -7.59 -1.62 19.73
C PHE B 200 -8.89 -1.23 20.40
N TRP B 201 -9.61 -2.21 20.92
CA TRP B 201 -10.89 -1.95 21.56
C TRP B 201 -10.96 -2.44 23.01
N PRO B 202 -10.67 -1.54 23.97
CA PRO B 202 -10.71 -1.89 25.40
C PRO B 202 -12.17 -1.88 25.89
N HIS B 203 -12.88 -2.97 25.64
CA HIS B 203 -14.28 -3.09 26.03
C HIS B 203 -14.45 -3.03 27.55
N GLN B 204 -15.43 -2.25 27.98
CA GLN B 204 -15.78 -2.16 29.39
C GLN B 204 -17.11 -2.92 29.42
N SER B 205 -17.01 -4.24 29.29
CA SER B 205 -18.18 -5.12 29.25
C SER B 205 -18.77 -5.48 30.61
N PRO B 206 -20.06 -5.89 30.64
CA PRO B 206 -20.75 -6.27 31.87
C PRO B 206 -20.03 -7.34 32.70
N ARG B 207 -19.20 -8.16 32.04
CA ARG B 207 -18.46 -9.23 32.72
C ARG B 207 -17.22 -8.74 33.48
N HIS B 208 -16.87 -7.47 33.34
CA HIS B 208 -15.72 -6.88 34.05
C HIS B 208 -14.43 -7.66 33.80
N GLU B 209 -14.11 -7.86 32.53
CA GLU B 209 -12.91 -8.57 32.17
C GLU B 209 -12.24 -7.89 30.97
N PHE B 210 -10.92 -8.09 30.88
CA PHE B 210 -10.10 -7.56 29.79
C PHE B 210 -10.02 -8.72 28.81
N SER B 211 -10.75 -8.61 27.71
CA SER B 211 -10.78 -9.67 26.72
C SER B 211 -10.31 -9.22 25.35
N MET B 212 -9.72 -10.15 24.62
CA MET B 212 -9.22 -9.90 23.28
C MET B 212 -9.30 -11.19 22.50
N LEU B 213 -9.53 -11.09 21.18
CA LEU B 213 -9.54 -12.26 20.32
C LEU B 213 -8.12 -12.44 19.80
N TYR B 214 -7.80 -13.65 19.38
CA TYR B 214 -6.50 -13.95 18.82
C TYR B 214 -6.67 -15.10 17.83
N THR B 215 -5.69 -15.30 16.97
CA THR B 215 -5.72 -16.40 16.03
C THR B 215 -4.46 -17.20 16.31
N ILE B 216 -4.49 -18.49 16.03
CA ILE B 216 -3.33 -19.33 16.26
C ILE B 216 -3.34 -20.50 15.28
N ALA B 217 -2.16 -20.92 14.85
CA ALA B 217 -2.03 -22.03 13.91
C ALA B 217 -1.76 -23.33 14.66
N ARG B 218 -2.58 -24.35 14.41
CA ARG B 218 -2.35 -25.62 15.06
C ARG B 218 -1.73 -26.53 14.02
N PHE B 219 -0.46 -26.82 14.21
CA PHE B 219 0.30 -27.68 13.30
C PHE B 219 -0.28 -29.10 13.15
N ALA B 227 0.07 -24.26 4.53
CA ALA B 227 1.24 -24.94 5.16
C ALA B 227 0.74 -26.04 6.10
N THR B 228 -0.51 -26.48 5.89
CA THR B 228 -1.14 -27.54 6.68
C THR B 228 -1.57 -27.12 8.08
N ALA B 229 -0.93 -26.08 8.62
CA ALA B 229 -1.31 -25.59 9.94
C ALA B 229 -2.77 -25.17 9.87
N ASP B 230 -3.53 -25.54 10.90
CA ASP B 230 -4.96 -25.24 10.98
C ASP B 230 -5.23 -23.91 11.71
N LEU B 231 -5.86 -22.98 11.00
CA LEU B 231 -6.17 -21.69 11.59
C LEU B 231 -7.36 -21.70 12.52
N LEU B 232 -7.14 -21.23 13.75
CA LEU B 232 -8.18 -21.19 14.77
C LEU B 232 -8.33 -19.79 15.39
N TYR B 233 -9.53 -19.50 15.88
CA TYR B 233 -9.78 -18.25 16.57
C TYR B 233 -9.87 -18.58 18.05
N GLY B 234 -9.29 -17.73 18.87
CA GLY B 234 -9.31 -17.94 20.29
C GLY B 234 -9.81 -16.73 21.03
N TYR B 235 -10.02 -16.92 22.32
CA TYR B 235 -10.51 -15.87 23.20
C TYR B 235 -9.62 -15.92 24.43
N LEU B 236 -9.12 -14.75 24.80
CA LEU B 236 -8.26 -14.59 25.96
C LEU B 236 -9.03 -13.67 26.89
N SER B 237 -8.83 -13.82 28.19
CA SER B 237 -9.51 -12.95 29.14
C SER B 237 -8.81 -12.85 30.47
N VAL B 238 -8.88 -11.66 31.06
CA VAL B 238 -8.30 -11.40 32.37
C VAL B 238 -9.44 -10.88 33.23
N ASP B 239 -9.80 -11.65 34.25
CA ASP B 239 -10.87 -11.26 35.18
C ASP B 239 -10.32 -10.10 36.00
N LEU B 240 -10.93 -8.93 35.85
CA LEU B 240 -10.45 -7.76 36.57
C LEU B 240 -10.74 -7.72 38.07
N LYS B 241 -11.52 -8.69 38.56
CA LYS B 241 -11.83 -8.78 39.97
C LYS B 241 -10.82 -9.67 40.70
N THR B 242 -10.60 -10.85 40.14
CA THR B 242 -9.71 -11.84 40.72
C THR B 242 -8.34 -12.02 40.08
N GLY B 243 -8.14 -11.40 38.92
CA GLY B 243 -6.86 -11.55 38.23
C GLY B 243 -6.73 -12.88 37.50
N LYS B 244 -7.78 -13.70 37.53
CA LYS B 244 -7.79 -14.99 36.86
C LYS B 244 -7.72 -14.83 35.34
N THR B 245 -6.81 -15.56 34.70
CA THR B 245 -6.65 -15.50 33.26
C THR B 245 -7.24 -16.74 32.57
N HIS B 246 -7.69 -16.57 31.32
CA HIS B 246 -8.29 -17.66 30.55
C HIS B 246 -8.11 -17.50 29.03
N THR B 247 -7.82 -18.62 28.38
CA THR B 247 -7.67 -18.65 26.92
C THR B 247 -8.35 -19.91 26.41
N GLN B 248 -8.85 -19.86 25.18
CA GLN B 248 -9.50 -21.01 24.60
C GLN B 248 -9.96 -20.76 23.16
N GLU B 249 -9.62 -21.69 22.27
CA GLU B 249 -10.03 -21.57 20.87
C GLU B 249 -11.52 -21.96 20.77
N PHE B 250 -12.29 -21.21 19.99
CA PHE B 250 -13.71 -21.47 19.86
C PHE B 250 -14.24 -21.74 18.44
N ALA B 251 -13.34 -21.92 17.49
CA ALA B 251 -13.75 -22.16 16.11
C ALA B 251 -12.59 -22.18 15.12
N ASP B 252 -12.77 -22.93 14.04
CA ASP B 252 -11.76 -22.95 13.00
C ASP B 252 -12.02 -21.67 12.21
N LEU B 253 -10.95 -20.95 11.90
CA LEU B 253 -11.04 -19.71 11.15
C LEU B 253 -11.50 -19.88 9.70
N THR B 254 -12.66 -19.33 9.38
CA THR B 254 -13.22 -19.35 8.01
C THR B 254 -13.35 -17.91 7.50
N GLU B 255 -13.32 -16.96 8.44
CA GLU B 255 -13.42 -15.53 8.17
C GLU B 255 -12.79 -14.77 9.34
N LEU B 256 -12.54 -13.48 9.15
CA LEU B 256 -11.94 -12.66 10.19
C LEU B 256 -12.96 -11.86 11.00
N TYR B 257 -12.61 -11.62 12.26
CA TYR B 257 -13.42 -10.84 13.21
C TYR B 257 -12.44 -9.86 13.87
N PHE B 258 -12.86 -8.61 14.05
CA PHE B 258 -12.02 -7.61 14.69
C PHE B 258 -12.22 -7.61 16.21
N THR B 259 -13.48 -7.67 16.63
CA THR B 259 -13.82 -7.71 18.04
C THR B 259 -14.79 -8.86 18.31
N GLY B 260 -14.81 -9.29 19.57
CA GLY B 260 -15.68 -10.37 19.97
C GLY B 260 -15.94 -10.27 21.45
N LEU B 261 -17.20 -10.48 21.84
CA LEU B 261 -17.60 -10.43 23.24
C LEU B 261 -18.50 -11.59 23.63
N ARG B 262 -18.38 -11.99 24.88
CA ARG B 262 -19.22 -13.02 25.41
C ARG B 262 -20.46 -12.35 25.97
N SER B 263 -21.60 -12.99 25.71
CA SER B 263 -22.88 -12.47 26.16
C SER B 263 -22.94 -12.56 27.67
N PRO B 264 -23.35 -11.46 28.32
CA PRO B 264 -23.47 -11.45 29.79
C PRO B 264 -24.69 -12.29 30.22
N LYS B 265 -25.56 -12.54 29.23
CA LYS B 265 -26.80 -13.32 29.36
C LYS B 265 -26.43 -14.81 29.34
N ASP B 266 -25.64 -15.20 28.33
CA ASP B 266 -25.17 -16.58 28.21
C ASP B 266 -23.70 -16.47 27.81
N PRO B 267 -22.81 -16.72 28.77
CA PRO B 267 -21.35 -16.68 28.60
C PRO B 267 -20.79 -17.75 27.69
N ASN B 268 -21.59 -18.77 27.40
CA ASN B 268 -21.13 -19.83 26.52
C ASN B 268 -21.24 -19.40 25.06
N GLN B 269 -21.78 -18.22 24.84
CA GLN B 269 -21.92 -17.71 23.49
C GLN B 269 -21.04 -16.51 23.31
N ILE B 270 -20.22 -16.56 22.26
CA ILE B 270 -19.32 -15.46 21.93
C ILE B 270 -19.70 -14.94 20.55
N TYR B 271 -19.80 -13.60 20.44
CA TYR B 271 -20.16 -12.94 19.20
C TYR B 271 -18.99 -12.15 18.62
N GLY B 272 -18.59 -12.49 17.39
CA GLY B 272 -17.50 -11.78 16.73
C GLY B 272 -18.04 -10.99 15.55
N VAL B 273 -17.32 -9.97 15.09
CA VAL B 273 -17.79 -9.15 13.99
C VAL B 273 -16.71 -8.49 13.11
N LEU B 274 -17.07 -8.27 11.85
CA LEU B 274 -16.26 -7.60 10.84
C LEU B 274 -17.16 -7.45 9.61
N ASN B 275 -17.16 -8.44 8.73
CA ASN B 275 -18.02 -8.39 7.54
C ASN B 275 -19.33 -9.13 7.80
N ARG B 276 -19.29 -10.09 8.72
CA ARG B 276 -20.47 -10.84 9.15
C ARG B 276 -20.46 -10.82 10.67
N LEU B 277 -21.63 -10.98 11.27
CA LEU B 277 -21.74 -11.04 12.72
C LEU B 277 -21.94 -12.52 12.99
N ALA B 278 -20.99 -13.16 13.66
CA ALA B 278 -21.11 -14.59 13.95
C ALA B 278 -21.38 -14.88 15.42
N LYS B 279 -22.15 -15.93 15.64
CA LYS B 279 -22.55 -16.37 16.98
C LYS B 279 -21.97 -17.77 17.17
N TYR B 280 -21.09 -17.92 18.16
CA TYR B 280 -20.46 -19.22 18.40
C TYR B 280 -20.77 -19.84 19.73
N ASP B 281 -20.69 -21.17 19.76
CA ASP B 281 -20.90 -21.96 20.96
C ASP B 281 -19.49 -22.27 21.43
N LEU B 282 -19.07 -21.68 22.55
CA LEU B 282 -17.72 -21.90 23.08
C LEU B 282 -17.43 -23.36 23.40
N LYS B 283 -18.34 -23.98 24.15
CA LYS B 283 -18.20 -25.36 24.56
C LYS B 283 -18.01 -26.27 23.34
N GLN B 284 -18.97 -26.19 22.42
CA GLN B 284 -18.95 -27.00 21.19
C GLN B 284 -18.00 -26.54 20.11
N ARG B 285 -17.42 -25.35 20.26
CA ARG B 285 -16.49 -24.78 19.27
C ARG B 285 -17.18 -24.77 17.91
N LYS B 286 -18.48 -24.49 17.95
CA LYS B 286 -19.33 -24.51 16.77
C LYS B 286 -20.04 -23.19 16.49
N LEU B 287 -20.12 -22.83 15.22
CA LEU B 287 -20.82 -21.63 14.81
C LEU B 287 -22.30 -21.99 14.90
N ILE B 288 -23.09 -21.21 15.63
CA ILE B 288 -24.51 -21.50 15.72
C ILE B 288 -25.28 -20.67 14.68
N LYS B 289 -24.84 -19.43 14.43
CA LYS B 289 -25.49 -18.56 13.46
C LYS B 289 -24.68 -17.35 13.05
N ALA B 290 -24.86 -16.92 11.80
CA ALA B 290 -24.16 -15.76 11.26
C ALA B 290 -25.19 -14.88 10.56
N ALA B 291 -24.97 -13.57 10.63
CA ALA B 291 -25.86 -12.62 10.00
C ALA B 291 -25.08 -11.70 9.07
N ASN B 292 -25.67 -11.36 7.93
CA ASN B 292 -25.04 -10.46 6.97
C ASN B 292 -25.28 -9.02 7.41
N LEU B 293 -24.27 -8.18 7.23
CA LEU B 293 -24.35 -6.77 7.63
C LEU B 293 -24.57 -5.83 6.45
N ASP B 294 -25.00 -4.61 6.77
CA ASP B 294 -25.23 -3.59 5.74
C ASP B 294 -23.88 -3.07 5.24
N HIS B 295 -22.84 -3.26 6.06
CA HIS B 295 -21.47 -2.87 5.74
C HIS B 295 -20.57 -3.38 6.85
N THR B 296 -19.27 -3.20 6.70
CA THR B 296 -18.31 -3.65 7.71
C THR B 296 -18.50 -2.88 9.00
N TYR B 297 -18.44 -3.60 10.12
CA TYR B 297 -18.53 -3.02 11.45
C TYR B 297 -17.31 -3.56 12.19
N TYR B 298 -16.73 -2.73 13.06
CA TYR B 298 -15.53 -3.14 13.81
C TYR B 298 -15.76 -3.69 15.21
N CYS B 299 -16.54 -2.94 15.97
CA CYS B 299 -16.74 -3.22 17.38
C CYS B 299 -18.12 -3.59 17.92
N VAL B 300 -18.17 -4.70 18.65
CA VAL B 300 -19.41 -5.16 19.28
C VAL B 300 -19.53 -4.51 20.65
N ALA B 301 -20.77 -4.37 21.12
CA ALA B 301 -21.07 -3.83 22.44
C ALA B 301 -22.38 -4.45 22.91
N PHE B 302 -22.38 -4.99 24.11
CA PHE B 302 -23.57 -5.60 24.72
C PHE B 302 -24.09 -4.67 25.81
N ASP B 303 -25.41 -4.58 25.94
CA ASP B 303 -25.94 -3.78 27.04
C ASP B 303 -25.80 -4.64 28.30
N LYS B 304 -26.19 -4.11 29.45
CA LYS B 304 -26.05 -4.81 30.73
C LYS B 304 -26.63 -6.21 30.81
N LYS B 305 -27.89 -6.35 30.36
CA LYS B 305 -28.56 -7.65 30.39
C LYS B 305 -28.20 -8.57 29.23
N GLY B 306 -27.71 -7.99 28.14
CA GLY B 306 -27.37 -8.79 26.98
C GLY B 306 -28.58 -9.02 26.08
N ASP B 307 -29.55 -8.11 26.16
CA ASP B 307 -30.77 -8.14 25.35
C ASP B 307 -30.54 -7.46 23.99
N LYS B 308 -29.51 -6.61 23.95
CA LYS B 308 -29.17 -5.91 22.72
C LYS B 308 -27.70 -6.06 22.42
N LEU B 309 -27.37 -5.99 21.14
CA LEU B 309 -26.01 -6.10 20.65
C LEU B 309 -25.85 -4.93 19.70
N TYR B 310 -24.99 -4.00 20.06
CA TYR B 310 -24.72 -2.85 19.23
C TYR B 310 -23.48 -3.10 18.40
N LEU B 311 -23.48 -2.59 17.17
CA LEU B 311 -22.33 -2.72 16.28
C LEU B 311 -21.90 -1.29 15.94
N GLY B 312 -20.67 -0.96 16.30
CA GLY B 312 -20.15 0.37 16.05
C GLY B 312 -18.87 0.41 15.26
N GLY B 313 -18.23 1.57 15.23
CA GLY B 313 -17.00 1.74 14.47
C GLY B 313 -17.37 1.93 13.01
N THR B 314 -16.39 2.19 12.15
CA THR B 314 -16.64 2.34 10.72
C THR B 314 -17.32 3.68 10.32
N PHE B 315 -18.58 3.64 9.91
CA PHE B 315 -19.30 4.83 9.46
C PHE B 315 -19.97 5.51 10.66
N ASN B 316 -21.05 6.26 10.40
CA ASN B 316 -21.74 6.99 11.46
C ASN B 316 -23.01 6.37 12.01
N ASP B 317 -23.21 5.06 11.85
CA ASP B 317 -24.41 4.44 12.39
C ASP B 317 -24.15 3.20 13.26
N LEU B 318 -24.96 3.09 14.32
CA LEU B 318 -24.91 1.93 15.20
C LEU B 318 -25.99 0.97 14.74
N ALA B 319 -25.64 -0.30 14.58
CA ALA B 319 -26.64 -1.28 14.20
C ALA B 319 -27.07 -1.90 15.53
N VAL B 320 -28.37 -2.06 15.73
CA VAL B 320 -28.86 -2.66 16.97
C VAL B 320 -29.41 -4.03 16.58
N PHE B 321 -28.88 -5.07 17.22
CA PHE B 321 -29.27 -6.44 16.97
C PHE B 321 -29.91 -7.12 18.15
N ASN B 322 -30.76 -8.10 17.84
CA ASN B 322 -31.38 -8.93 18.87
C ASN B 322 -30.37 -10.06 18.85
N PRO B 323 -29.69 -10.30 19.98
CA PRO B 323 -28.69 -11.37 20.02
C PRO B 323 -29.23 -12.80 19.87
N ASP B 324 -30.49 -13.01 20.23
CA ASP B 324 -31.10 -14.34 20.13
C ASP B 324 -31.42 -14.69 18.69
N THR B 325 -32.16 -13.82 18.01
CA THR B 325 -32.53 -14.06 16.63
C THR B 325 -31.41 -13.68 15.66
N LEU B 326 -30.44 -12.90 16.14
CA LEU B 326 -29.31 -12.41 15.32
C LEU B 326 -29.78 -11.54 14.16
N GLU B 327 -30.78 -10.71 14.41
CA GLU B 327 -31.29 -9.83 13.37
C GLU B 327 -31.33 -8.38 13.78
N LYS B 328 -30.99 -7.52 12.82
CA LYS B 328 -30.95 -6.09 13.06
C LYS B 328 -32.34 -5.54 13.33
N VAL B 329 -32.51 -4.99 14.53
CA VAL B 329 -33.76 -4.38 14.99
C VAL B 329 -33.84 -2.95 14.46
N LYS B 330 -32.74 -2.20 14.54
CA LYS B 330 -32.74 -0.84 14.04
C LYS B 330 -31.35 -0.25 13.91
N ASN B 331 -31.28 1.00 13.48
CA ASN B 331 -30.02 1.71 13.32
C ASN B 331 -30.12 3.06 13.97
N ILE B 332 -29.07 3.42 14.71
CA ILE B 332 -28.99 4.72 15.37
C ILE B 332 -28.05 5.52 14.49
N LYS B 333 -28.57 6.57 13.87
CA LYS B 333 -27.76 7.43 13.01
C LYS B 333 -27.15 8.52 13.88
N LEU B 334 -25.82 8.56 13.94
CA LEU B 334 -25.11 9.55 14.74
C LEU B 334 -24.81 10.83 13.96
N PRO B 335 -24.89 11.99 14.63
CA PRO B 335 -24.60 13.26 13.95
C PRO B 335 -23.11 13.27 13.58
N GLY B 336 -22.79 13.83 12.42
CA GLY B 336 -21.39 13.90 11.99
C GLY B 336 -20.95 12.82 11.02
N GLY B 337 -19.75 12.31 11.21
CA GLY B 337 -19.24 11.29 10.31
C GLY B 337 -18.80 9.96 10.90
N ASP B 338 -17.73 9.42 10.32
CA ASP B 338 -17.19 8.12 10.73
C ASP B 338 -16.75 7.94 12.18
N MET B 339 -17.10 6.79 12.74
CA MET B 339 -16.72 6.41 14.09
C MET B 339 -15.29 5.90 14.09
N SER B 340 -14.84 5.45 12.91
CA SER B 340 -13.51 4.91 12.75
C SER B 340 -13.19 3.80 13.78
N THR B 341 -12.06 3.91 14.48
CA THR B 341 -11.67 2.88 15.46
C THR B 341 -12.22 3.05 16.87
N THR B 342 -13.25 3.88 17.04
CA THR B 342 -13.86 4.12 18.34
C THR B 342 -14.46 2.86 18.96
N THR B 343 -14.50 2.80 20.28
CA THR B 343 -15.08 1.65 20.98
C THR B 343 -16.28 2.05 21.85
N PRO B 344 -17.49 1.57 21.47
CA PRO B 344 -18.74 1.84 22.18
C PRO B 344 -18.66 1.33 23.61
N GLN B 345 -18.89 2.22 24.56
CA GLN B 345 -18.80 1.92 25.99
C GLN B 345 -20.16 2.05 26.71
N VAL B 346 -20.62 0.96 27.33
CA VAL B 346 -21.90 0.92 28.04
C VAL B 346 -21.74 1.01 29.57
N PHE B 347 -22.59 1.82 30.21
CA PHE B 347 -22.55 2.02 31.66
C PHE B 347 -23.89 2.46 32.23
N ILE B 348 -24.06 2.27 33.53
CA ILE B 348 -25.28 2.68 34.24
C ILE B 348 -24.89 3.96 35.00
N ARG B 349 -25.58 5.06 34.70
CA ARG B 349 -25.33 6.35 35.32
C ARG B 349 -25.55 6.38 36.83
N ALA C 3 2.16 -11.14 -4.56
CA ALA C 3 2.16 -9.66 -4.30
C ALA C 3 2.71 -8.88 -5.49
N VAL C 4 2.22 -7.66 -5.63
CA VAL C 4 2.61 -6.78 -6.72
C VAL C 4 3.35 -5.58 -6.12
N ALA C 5 4.34 -5.06 -6.84
CA ALA C 5 5.16 -3.93 -6.39
C ALA C 5 4.43 -2.65 -5.96
N GLY C 6 3.39 -2.25 -6.70
CA GLY C 6 2.68 -1.02 -6.34
C GLY C 6 1.48 -1.30 -5.47
N CYS C 7 1.17 -2.67 -4.43
CA CYS C 7 0.30 -3.11 -3.37
C CYS C 7 1.22 -3.61 -2.16
N THR C 8 0.37 -3.18 -1.37
CA THR C 8 0.83 -3.64 -0.01
C THR C 8 0.81 -5.14 0.35
N ALA C 9 1.79 -5.53 1.19
CA ALA C 9 1.89 -6.91 1.68
C ALA C 9 1.45 -7.06 3.16
N THR C 10 1.21 -5.95 3.86
CA THR C 10 0.77 -6.02 5.26
C THR C 10 -0.76 -6.18 5.26
N THR C 11 -1.17 -7.41 5.45
CA THR C 11 -2.58 -7.80 5.42
C THR C 11 -3.29 -7.89 6.77
N ASP C 12 -3.85 -6.76 7.20
CA ASP C 12 -4.56 -6.66 8.47
C ASP C 12 -5.99 -6.10 8.32
N PRO C 13 -6.82 -6.64 7.42
CA PRO C 13 -6.70 -7.73 6.42
C PRO C 13 -6.03 -7.32 5.10
N GLY C 14 -5.74 -6.03 4.95
CA GLY C 14 -5.06 -5.56 3.76
C GLY C 14 -5.64 -4.29 3.19
N TRP C 15 -5.26 -3.98 1.96
CA TRP C 15 -5.77 -2.80 1.26
C TRP C 15 -6.15 -3.21 -0.18
N GLU C 16 -5.18 -4.01 -1.17
CA GLU C 16 -5.09 -4.20 -2.61
C GLU C 16 -5.60 -5.62 -2.88
N VAL C 17 -5.00 -6.39 -1.47
CA VAL C 17 -5.46 -7.78 -1.39
C VAL C 17 -5.45 -8.24 0.07
N ASP C 18 -6.44 -9.03 0.46
CA ASP C 18 -6.50 -9.54 1.83
C ASP C 18 -5.51 -10.67 2.06
N ALA C 19 -5.50 -11.18 3.29
CA ALA C 19 -4.58 -12.26 3.65
C ALA C 19 -4.88 -13.53 2.88
N PHE C 20 -6.15 -13.73 2.56
CA PHE C 20 -6.58 -14.91 1.82
C PHE C 20 -6.25 -14.89 0.33
N GLY C 21 -5.70 -13.78 -0.14
CA GLY C 21 -5.35 -13.67 -1.54
C GLY C 21 -6.44 -13.10 -2.43
N GLY C 22 -7.53 -12.64 -1.81
CA GLY C 22 -8.63 -12.08 -2.56
C GLY C 22 -8.99 -10.67 -2.12
N VAL C 23 -10.26 -10.31 -2.25
CA VAL C 23 -10.77 -8.98 -1.88
C VAL C 23 -11.98 -9.04 -0.95
N SER C 24 -12.43 -10.24 -0.61
CA SER C 24 -13.60 -10.39 0.24
C SER C 24 -13.38 -10.16 1.74
N SER C 25 -12.22 -10.55 2.25
CA SER C 25 -11.91 -10.34 3.67
C SER C 25 -11.60 -8.87 3.90
N LEU C 26 -11.52 -8.11 2.81
CA LEU C 26 -11.27 -6.69 2.89
C LEU C 26 -12.50 -6.02 3.44
N CYS C 27 -12.37 -4.72 3.63
CA CYS C 27 -13.42 -3.90 4.17
C CYS C 27 -14.54 -3.70 3.10
N GLN C 28 -15.80 -3.77 3.52
CA GLN C 28 -16.97 -3.65 2.62
C GLN C 28 -18.02 -2.59 3.02
N PRO C 29 -18.05 -1.44 2.34
CA PRO C 29 -17.11 -1.08 1.25
C PRO C 29 -15.77 -0.66 1.85
N MET C 30 -14.78 -0.46 1.00
CA MET C 30 -13.45 -0.06 1.46
C MET C 30 -13.51 1.18 2.37
N GLU C 31 -14.45 2.07 2.09
CA GLU C 31 -14.64 3.30 2.86
C GLU C 31 -14.91 3.06 4.34
N ALA C 32 -15.48 1.91 4.66
CA ALA C 32 -15.79 1.54 6.05
C ALA C 32 -14.54 1.29 6.90
N ASP C 33 -13.44 0.98 6.22
CA ASP C 33 -12.15 0.65 6.82
C ASP C 33 -11.11 1.69 6.44
N LEU C 34 -11.54 2.77 5.78
CA LEU C 34 -10.64 3.82 5.33
C LEU C 34 -9.97 4.59 6.46
N TYR C 35 -10.75 5.11 7.40
CA TYR C 35 -10.16 5.85 8.50
C TYR C 35 -9.55 4.92 9.55
N GLY C 36 -9.97 3.67 9.52
CA GLY C 36 -9.40 2.69 10.42
C GLY C 36 -7.98 2.45 9.93
N CYS C 37 -7.80 2.65 8.63
CA CYS C 37 -6.50 2.48 8.00
C CYS C 37 -5.67 3.76 8.10
N SER C 38 -6.35 4.89 7.98
CA SER C 38 -5.73 6.22 8.00
C SER C 38 -5.34 6.81 9.37
N ASP C 39 -6.26 6.75 10.34
CA ASP C 39 -6.00 7.29 11.68
C ASP C 39 -4.68 6.82 12.30
N PRO C 40 -4.40 5.51 12.29
CA PRO C 40 -3.14 5.02 12.88
C PRO C 40 -2.01 4.76 11.88
N CYS C 41 -2.10 5.29 10.65
CA CYS C 41 -1.07 5.10 9.61
C CYS C 41 -0.73 3.64 9.39
N TRP C 42 -1.77 2.84 9.21
CA TRP C 42 -1.60 1.41 9.00
C TRP C 42 -1.05 1.06 7.62
N PRO C 44 0.58 3.56 5.29
CA PRO C 44 1.15 4.85 4.90
C PRO C 44 1.63 5.00 3.46
N ALA C 45 2.05 3.90 2.83
CA ALA C 45 2.52 3.96 1.44
C ALA C 45 1.37 4.08 0.41
N GLN C 46 0.15 3.70 0.80
CA GLN C 46 -1.01 3.77 -0.10
C GLN C 46 -2.08 4.72 0.43
N VAL C 47 -2.38 4.59 1.72
CA VAL C 47 -3.38 5.41 2.39
C VAL C 47 -2.69 6.46 3.25
N PRO C 48 -3.00 7.74 3.03
CA PRO C 48 -2.40 8.83 3.80
C PRO C 48 -2.64 8.81 5.31
N ASP C 49 -1.53 8.83 6.06
CA ASP C 49 -1.54 8.97 7.52
C ASP C 49 -1.92 10.20 8.27
N MET C 50 -3.05 10.11 8.95
CA MET C 50 -3.58 11.22 9.74
C MET C 50 -3.03 11.29 11.16
N MET C 51 -2.32 10.27 11.60
CA MET C 51 -1.73 10.30 12.93
C MET C 51 -0.52 11.22 12.92
N SER C 52 0.19 11.25 11.80
CA SER C 52 1.40 12.06 11.74
C SER C 52 1.61 13.00 10.56
N THR C 53 1.64 12.44 9.37
CA THR C 53 1.92 13.19 8.15
C THR C 53 0.84 14.06 7.53
N TYR C 54 -0.34 13.48 7.29
CA TYR C 54 -1.48 14.17 6.68
C TYR C 54 -2.65 14.22 7.65
N GLN C 55 -2.46 14.97 8.74
CA GLN C 55 -3.45 15.09 9.80
C GLN C 55 -4.84 15.60 9.45
N ASP C 56 -4.94 16.45 8.44
CA ASP C 56 -6.25 16.97 8.05
C ASP C 56 -6.68 16.46 6.67
N TRP C 57 -6.25 15.25 6.34
CA TRP C 57 -6.57 14.62 5.07
C TRP C 57 -8.08 14.49 4.82
N ASN C 58 -8.84 14.07 5.84
CA ASN C 58 -10.28 13.91 5.69
C ASN C 58 -11.13 15.11 6.12
N ALA C 59 -10.55 16.29 6.07
CA ALA C 59 -11.27 17.51 6.48
C ALA C 59 -12.62 17.72 5.79
N GLN C 60 -12.68 17.54 4.48
CA GLN C 60 -13.94 17.72 3.76
C GLN C 60 -14.67 16.39 3.54
N ALA C 61 -14.24 15.36 4.25
CA ALA C 61 -14.88 14.06 4.11
C ALA C 61 -15.00 13.32 5.44
N SER C 62 -15.55 13.98 6.46
CA SER C 62 -15.73 13.37 7.78
C SER C 62 -16.57 12.09 7.67
N ASN C 63 -17.55 12.14 6.75
CA ASN C 63 -18.43 11.02 6.47
C ASN C 63 -17.93 10.43 5.14
N SER C 64 -17.11 9.38 5.23
CA SER C 64 -16.54 8.75 4.04
C SER C 64 -17.57 8.05 3.14
N ALA C 65 -18.67 7.58 3.72
CA ALA C 65 -19.71 6.91 2.95
C ALA C 65 -20.29 7.87 1.91
N GLU C 66 -20.47 9.13 2.26
CA GLU C 66 -21.02 10.07 1.31
C GLU C 66 -20.05 11.10 0.74
N ASP C 67 -18.93 11.32 1.41
CA ASP C 67 -17.96 12.32 0.95
C ASP C 67 -16.60 11.81 0.50
N TRP C 68 -16.57 10.56 0.06
CA TRP C 68 -15.34 9.92 -0.40
C TRP C 68 -14.68 10.62 -1.59
N ARG C 69 -15.48 11.32 -2.40
CA ARG C 69 -14.95 12.05 -3.55
C ARG C 69 -14.04 13.22 -3.17
N ASN C 70 -14.24 13.76 -1.96
CA ASN C 70 -13.46 14.89 -1.48
C ASN C 70 -12.06 14.52 -1.00
N LEU C 71 -11.70 13.24 -1.07
CA LEU C 71 -10.38 12.80 -0.63
C LEU C 71 -9.37 12.97 -1.76
N GLY C 72 -8.33 13.76 -1.48
CA GLY C 72 -7.33 14.00 -2.49
C GLY C 72 -6.07 13.19 -2.41
N THR C 73 -5.27 13.30 -3.45
CA THR C 73 -3.99 12.62 -3.54
C THR C 73 -3.01 13.52 -2.77
N VAL C 74 -1.97 12.91 -2.18
CA VAL C 74 -1.01 13.65 -1.35
C VAL C 74 0.38 14.00 -1.86
N PHE C 75 0.87 13.36 -2.91
CA PHE C 75 2.20 13.70 -3.39
C PHE C 75 2.21 15.05 -4.08
N PRO C 76 3.10 15.97 -3.64
CA PRO C 76 3.24 17.32 -4.20
C PRO C 76 3.82 17.34 -5.63
N LYS C 77 2.97 16.95 -6.58
CA LYS C 77 3.32 16.89 -8.00
C LYS C 77 3.62 18.26 -8.59
N ASP C 78 4.44 18.29 -9.63
CA ASP C 78 4.77 19.55 -10.31
C ASP C 78 3.47 20.22 -10.68
N LYS C 79 3.46 21.54 -10.53
CA LYS C 79 2.32 22.39 -10.79
C LYS C 79 1.29 22.29 -9.66
#